data_7ZYT
#
_entry.id   7ZYT
#
_cell.length_a   188.650
_cell.length_b   59.000
_cell.length_c   83.230
_cell.angle_alpha   90.000
_cell.angle_beta   101.400
_cell.angle_gamma   90.000
#
_symmetry.space_group_name_H-M   'C 1 2 1'
#
loop_
_entity.id
_entity.type
_entity.pdbx_description
1 polymer 'Dihydrolipoyl dehydrogenase, mitochondrial'
2 non-polymer 'FLAVIN-ADENINE DINUCLEOTIDE'
3 non-polymer 2-[BIS-(2-HYDROXY-ETHYL)-AMINO]-2-HYDROXYMETHYL-PROPANE-1,3-DIOL
4 non-polymer 1,2-ETHANEDIOL
#
_entity_poly.entity_id   1
_entity_poly.type   'polypeptide(L)'
_entity_poly.pdbx_seq_one_letter_code
;MASWSHPQFEKGALEVLFQGPGADQPIDADVTVIGSGPGGYVAAIKAAQLGFKTVCIEKNETLGGTCLNVGCIPSKALLN
NSHYYHMAHGKDFASRGIEMSEVRLNLDKMMEQKSTAVKALTGGIAHLFKQNKVVHVNGYGKITGKNQVTATKADGGTQV
IDTKNILIATGSEVTPFPGITIDEDTIVSSTGALSLKKVPEKMVVIGAGVIGVELGSVWQRLGADVTAVEFLGHVGGVGI
DMEISKNFQRILQKQGFKFKLNTKVTGATKKSDGKIDVSIEAASGGKAEVITCDVLLVCIGRRPFTKNLGLEELGIELDP
RGRIPVNTRFQTKIPNIYATGDVVAGPMLAHKAEDEGIICVEGMAGGAVHIDYNCVPSVIYTHPEVAWVGKSEEQLKEEG
IEYKVGKFPFAANSRAKTNADTDGMVKILGQKSTDRVLGAHILGPGAGEMVNEAALALEYGASCEDIARVCHAHPTLSEA
FREANLAASFGKSINF
;
_entity_poly.pdbx_strand_id   A,B
#
loop_
_chem_comp.id
_chem_comp.type
_chem_comp.name
_chem_comp.formula
BTB non-polymer 2-[BIS-(2-HYDROXY-ETHYL)-AMINO]-2-HYDROXYMETHYL-PROPANE-1,3-DIOL 'C8 H19 N O5'
EDO non-polymer 1,2-ETHANEDIOL 'C2 H6 O2'
FAD non-polymer 'FLAVIN-ADENINE DINUCLEOTIDE' 'C27 H33 N9 O15 P2'
#
# COMPACT_ATOMS: atom_id res chain seq x y z
N GLN A 25 -14.75 47.96 -6.40
CA GLN A 25 -14.23 47.94 -5.04
C GLN A 25 -14.65 46.68 -4.26
N PRO A 26 -15.94 46.28 -4.33
CA PRO A 26 -16.30 44.96 -3.79
C PRO A 26 -16.05 43.88 -4.83
N ILE A 27 -16.26 42.62 -4.45
CA ILE A 27 -16.04 41.49 -5.34
C ILE A 27 -17.38 40.81 -5.61
N ASP A 28 -17.73 40.69 -6.89
CA ASP A 28 -18.93 39.99 -7.33
C ASP A 28 -18.52 38.61 -7.82
N ALA A 29 -19.16 37.58 -7.25
CA ALA A 29 -18.80 36.20 -7.56
C ALA A 29 -20.05 35.34 -7.48
N ASP A 30 -19.89 34.05 -7.79
CA ASP A 30 -20.95 33.06 -7.75
C ASP A 30 -20.91 32.20 -6.49
N VAL A 31 -19.74 31.64 -6.18
CA VAL A 31 -19.54 30.79 -5.01
C VAL A 31 -18.39 31.35 -4.19
N THR A 32 -18.65 31.61 -2.91
CA THR A 32 -17.64 32.12 -1.98
C THR A 32 -17.42 31.09 -0.88
N VAL A 33 -16.19 30.60 -0.77
CA VAL A 33 -15.84 29.54 0.16
C VAL A 33 -15.12 30.17 1.35
N ILE A 34 -15.73 30.08 2.53
CA ILE A 34 -15.13 30.59 3.75
C ILE A 34 -14.30 29.46 4.33
N GLY A 35 -13.01 29.44 4.02
CA GLY A 35 -12.11 28.44 4.54
C GLY A 35 -11.21 27.81 3.51
N SER A 36 -9.93 27.62 3.86
CA SER A 36 -8.96 26.98 2.98
C SER A 36 -8.59 25.57 3.47
N GLY A 37 -9.38 24.98 4.35
CA GLY A 37 -9.15 23.63 4.78
C GLY A 37 -9.37 22.65 3.64
N PRO A 38 -9.26 21.35 3.91
CA PRO A 38 -9.48 20.38 2.83
C PRO A 38 -10.87 20.44 2.22
N GLY A 39 -11.91 20.63 3.05
CA GLY A 39 -13.25 20.76 2.49
C GLY A 39 -13.44 22.00 1.66
N GLY A 40 -12.77 23.09 2.05
CA GLY A 40 -12.91 24.36 1.37
C GLY A 40 -12.02 24.55 0.16
N TYR A 41 -10.72 24.28 0.29
CA TYR A 41 -9.79 24.55 -0.80
C TYR A 41 -10.05 23.66 -2.01
N VAL A 42 -10.48 22.42 -1.79
CA VAL A 42 -10.85 21.57 -2.92
C VAL A 42 -12.10 22.11 -3.60
N ALA A 43 -13.13 22.43 -2.79
CA ALA A 43 -14.37 22.94 -3.35
C ALA A 43 -14.15 24.19 -4.19
N ALA A 44 -13.20 25.03 -3.79
CA ALA A 44 -12.88 26.22 -4.59
C ALA A 44 -12.32 25.82 -5.95
N ILE A 45 -11.37 24.90 -5.97
CA ILE A 45 -10.80 24.41 -7.22
C ILE A 45 -11.88 23.76 -8.07
N LYS A 46 -12.71 22.93 -7.46
CA LYS A 46 -13.75 22.23 -8.20
C LYS A 46 -14.78 23.20 -8.77
N ALA A 47 -15.31 24.08 -7.91
CA ALA A 47 -16.27 25.08 -8.39
C ALA A 47 -15.66 25.97 -9.46
N ALA A 48 -14.36 26.25 -9.37
CA ALA A 48 -13.72 27.04 -10.42
C ALA A 48 -13.68 26.29 -11.74
N GLN A 49 -13.36 25.00 -11.71
CA GLN A 49 -13.36 24.18 -12.91
C GLN A 49 -14.75 23.99 -13.51
N LEU A 50 -15.80 24.12 -12.70
CA LEU A 50 -17.17 23.97 -13.17
C LEU A 50 -17.77 25.28 -13.68
N GLY A 51 -16.96 26.32 -13.87
CA GLY A 51 -17.41 27.58 -14.41
C GLY A 51 -17.72 28.63 -13.37
N PHE A 52 -18.06 28.22 -12.15
CA PHE A 52 -18.38 29.17 -11.08
C PHE A 52 -17.18 30.08 -10.81
N LYS A 53 -17.41 31.39 -10.89
CA LYS A 53 -16.43 32.36 -10.43
C LYS A 53 -16.28 32.20 -8.91
N THR A 54 -15.24 31.52 -8.48
CA THR A 54 -15.08 31.13 -7.10
C THR A 54 -14.18 32.09 -6.35
N VAL A 55 -14.47 32.28 -5.07
CA VAL A 55 -13.68 33.12 -4.18
C VAL A 55 -13.49 32.39 -2.86
N CYS A 56 -12.26 32.38 -2.36
CA CYS A 56 -11.95 31.73 -1.09
C CYS A 56 -11.40 32.77 -0.12
N ILE A 57 -11.95 32.77 1.10
CA ILE A 57 -11.50 33.65 2.17
C ILE A 57 -10.79 32.80 3.21
N GLU A 58 -9.55 33.14 3.52
CA GLU A 58 -8.78 32.45 4.54
C GLU A 58 -8.20 33.48 5.50
N LYS A 59 -8.32 33.22 6.81
CA LYS A 59 -7.82 34.18 7.78
C LYS A 59 -6.34 33.97 8.08
N ASN A 60 -5.90 32.72 8.23
CA ASN A 60 -4.53 32.43 8.59
C ASN A 60 -3.58 32.82 7.46
N GLU A 61 -2.33 33.10 7.83
CA GLU A 61 -1.34 33.50 6.82
C GLU A 61 -1.12 32.39 5.81
N THR A 62 -1.03 31.15 6.26
CA THR A 62 -0.88 30.01 5.38
C THR A 62 -2.23 29.41 5.02
N LEU A 63 -2.29 28.79 3.85
CA LEU A 63 -3.48 28.07 3.40
C LEU A 63 -3.35 26.59 3.74
N GLY A 64 -4.48 25.88 3.65
CA GLY A 64 -4.53 24.46 3.90
C GLY A 64 -5.30 24.07 5.14
N GLY A 65 -5.47 25.00 6.08
CA GLY A 65 -6.20 24.70 7.28
C GLY A 65 -5.41 23.84 8.25
N THR A 66 -6.15 23.05 9.03
CA THR A 66 -5.52 22.22 10.05
C THR A 66 -4.64 21.13 9.43
N CYS A 67 -5.22 20.35 8.51
CA CYS A 67 -4.55 19.16 7.98
C CYS A 67 -3.14 19.46 7.49
N LEU A 68 -2.95 20.59 6.81
CA LEU A 68 -1.64 20.95 6.26
C LEU A 68 -0.76 21.69 7.26
N ASN A 69 -1.32 22.71 7.92
CA ASN A 69 -0.50 23.58 8.76
C ASN A 69 -0.22 22.95 10.13
N VAL A 70 -1.23 22.37 10.76
CA VAL A 70 -1.08 21.84 12.12
C VAL A 70 -1.84 20.54 12.27
N GLY A 71 -1.85 19.70 11.24
CA GLY A 71 -2.66 18.50 11.26
C GLY A 71 -2.04 17.27 10.63
N CYS A 72 -2.69 16.74 9.60
CA CYS A 72 -2.26 15.46 9.03
C CYS A 72 -0.83 15.52 8.55
N ILE A 73 -0.49 16.51 7.71
CA ILE A 73 0.84 16.54 7.09
C ILE A 73 1.95 16.62 8.14
N PRO A 74 1.90 17.51 9.12
CA PRO A 74 2.99 17.50 10.12
C PRO A 74 3.06 16.23 10.93
N SER A 75 1.92 15.72 11.42
CA SER A 75 1.92 14.52 12.25
C SER A 75 2.47 13.31 11.50
N LYS A 76 2.06 13.15 10.24
CA LYS A 76 2.53 12.01 9.45
C LYS A 76 4.04 12.04 9.27
N ALA A 77 4.61 13.22 8.97
CA ALA A 77 6.04 13.31 8.73
C ALA A 77 6.84 12.87 9.95
N LEU A 78 6.46 13.36 11.13
CA LEU A 78 7.16 12.95 12.34
C LEU A 78 6.92 11.49 12.65
N LEU A 79 5.70 10.99 12.42
CA LEU A 79 5.42 9.57 12.55
C LEU A 79 6.33 8.75 11.65
N ASN A 80 6.54 9.21 10.42
CA ASN A 80 7.40 8.49 9.48
C ASN A 80 8.85 8.53 9.95
N ASN A 81 9.36 9.72 10.28
CA ASN A 81 10.76 9.85 10.70
C ASN A 81 11.02 9.14 12.02
N SER A 82 10.05 9.17 12.94
CA SER A 82 10.25 8.53 14.24
C SER A 82 10.38 7.02 14.09
N HIS A 83 9.61 6.43 13.17
CA HIS A 83 9.73 4.99 12.95
C HIS A 83 11.13 4.63 12.46
N TYR A 84 11.64 5.38 11.48
CA TYR A 84 12.98 5.08 10.96
C TYR A 84 14.05 5.28 12.02
N TYR A 85 13.86 6.20 12.95
CA TYR A 85 14.77 6.31 14.08
C TYR A 85 14.64 5.09 14.98
N HIS A 86 13.41 4.74 15.36
CA HIS A 86 13.19 3.57 16.22
C HIS A 86 13.75 2.30 15.58
N MET A 87 13.81 2.25 14.25
CA MET A 87 14.40 1.11 13.56
C MET A 87 15.91 1.10 13.69
N ALA A 88 16.54 2.27 13.51
CA ALA A 88 17.99 2.36 13.63
C ALA A 88 18.43 2.19 15.08
N HIS A 89 17.72 2.83 16.01
CA HIS A 89 18.05 2.70 17.44
C HIS A 89 17.71 1.31 17.98
N GLY A 90 16.95 0.51 17.25
CA GLY A 90 16.57 -0.82 17.68
C GLY A 90 17.27 -1.92 16.87
N LYS A 91 16.87 -3.15 17.18
CA LYS A 91 17.43 -4.34 16.55
C LYS A 91 17.06 -4.47 15.08
N ASP A 92 16.19 -3.59 14.55
CA ASP A 92 15.61 -3.81 13.24
C ASP A 92 16.68 -3.81 12.14
N PHE A 93 17.47 -2.74 12.07
CA PHE A 93 18.44 -2.63 10.99
C PHE A 93 19.60 -3.60 11.17
N ALA A 94 20.01 -3.85 12.42
CA ALA A 94 21.05 -4.85 12.66
C ALA A 94 20.56 -6.25 12.33
N SER A 95 19.26 -6.52 12.51
CA SER A 95 18.72 -7.82 12.16
C SER A 95 18.90 -8.13 10.67
N ARG A 96 18.85 -7.11 9.83
CA ARG A 96 18.98 -7.27 8.39
C ARG A 96 20.39 -6.97 7.90
N GLY A 97 21.36 -6.98 8.80
CA GLY A 97 22.75 -6.75 8.43
C GLY A 97 23.13 -5.30 8.19
N ILE A 98 22.29 -4.34 8.61
CA ILE A 98 22.64 -2.93 8.51
C ILE A 98 23.18 -2.47 9.85
N GLU A 99 24.47 -2.69 10.07
CA GLU A 99 25.10 -2.42 11.36
C GLU A 99 25.65 -1.01 11.37
N MET A 100 25.10 -0.17 12.24
CA MET A 100 25.57 1.19 12.42
C MET A 100 25.83 1.45 13.89
N SER A 101 26.62 2.48 14.16
CA SER A 101 26.99 2.86 15.51
C SER A 101 26.69 4.33 15.74
N GLU A 102 26.53 4.69 17.01
CA GLU A 102 26.25 6.07 17.43
C GLU A 102 25.05 6.65 16.69
N VAL A 103 23.93 5.93 16.74
CA VAL A 103 22.68 6.45 16.19
C VAL A 103 22.22 7.59 17.08
N ARG A 104 22.16 8.80 16.54
CA ARG A 104 21.79 9.97 17.29
C ARG A 104 20.70 10.74 16.53
N LEU A 105 19.99 11.58 17.27
CA LEU A 105 18.85 12.32 16.75
C LEU A 105 19.18 13.80 16.73
N ASN A 106 19.02 14.43 15.56
CA ASN A 106 19.04 15.88 15.42
C ASN A 106 17.60 16.31 15.15
N LEU A 107 16.86 16.59 16.22
CA LEU A 107 15.45 16.93 16.10
C LEU A 107 15.22 18.14 15.20
N ASP A 108 16.23 19.02 15.10
CA ASP A 108 16.12 20.20 14.23
C ASP A 108 15.81 19.79 12.79
N LYS A 109 16.66 18.94 12.21
CA LYS A 109 16.44 18.52 10.82
C LYS A 109 15.14 17.74 10.67
N MET A 110 14.80 16.93 11.68
CA MET A 110 13.54 16.19 11.64
C MET A 110 12.36 17.14 11.61
N MET A 111 12.38 18.17 12.47
CA MET A 111 11.36 19.21 12.41
C MET A 111 11.48 20.05 11.14
N GLU A 112 12.70 20.24 10.64
CA GLU A 112 12.88 20.99 9.40
C GLU A 112 12.21 20.28 8.23
N GLN A 113 12.37 18.96 8.14
CA GLN A 113 11.72 18.22 7.07
C GLN A 113 10.21 18.33 7.16
N LYS A 114 9.68 18.26 8.38
CA LYS A 114 8.25 18.50 8.58
C LYS A 114 7.85 19.87 8.05
N SER A 115 8.61 20.91 8.42
CA SER A 115 8.30 22.26 7.96
C SER A 115 8.47 22.37 6.44
N THR A 116 9.48 21.70 5.88
CA THR A 116 9.72 21.79 4.44
C THR A 116 8.56 21.21 3.65
N ALA A 117 8.02 20.07 4.12
CA ALA A 117 6.90 19.45 3.42
C ALA A 117 5.63 20.29 3.55
N VAL A 118 5.38 20.83 4.74
CA VAL A 118 4.21 21.70 4.91
C VAL A 118 4.35 22.95 4.06
N LYS A 119 5.51 23.59 4.12
CA LYS A 119 5.75 24.78 3.30
C LYS A 119 5.56 24.47 1.82
N ALA A 120 6.05 23.31 1.37
CA ALA A 120 5.92 22.97 -0.05
C ALA A 120 4.47 22.74 -0.43
N LEU A 121 3.69 22.10 0.45
CA LEU A 121 2.29 21.83 0.14
C LEU A 121 1.39 23.03 0.36
N THR A 122 1.84 24.03 1.13
CA THR A 122 1.12 25.30 1.17
C THR A 122 1.22 26.01 -0.17
N GLY A 123 2.42 26.05 -0.75
CA GLY A 123 2.62 26.60 -2.07
C GLY A 123 1.89 25.87 -3.17
N GLY A 124 1.62 24.57 -2.99
CA GLY A 124 0.81 23.85 -3.97
C GLY A 124 -0.59 24.42 -4.09
N ILE A 125 -1.26 24.61 -2.95
CA ILE A 125 -2.61 25.19 -2.95
C ILE A 125 -2.59 26.55 -3.64
N ALA A 126 -1.54 27.34 -3.40
CA ALA A 126 -1.45 28.65 -4.06
C ALA A 126 -1.36 28.51 -5.56
N HIS A 127 -0.44 27.67 -6.05
CA HIS A 127 -0.33 27.44 -7.49
C HIS A 127 -1.64 26.92 -8.06
N LEU A 128 -2.36 26.09 -7.30
CA LEU A 128 -3.62 25.54 -7.78
C LEU A 128 -4.69 26.63 -7.87
N PHE A 129 -4.84 27.43 -6.82
CA PHE A 129 -5.76 28.57 -6.88
C PHE A 129 -5.39 29.52 -8.00
N LYS A 130 -4.11 29.61 -8.36
CA LYS A 130 -3.69 30.49 -9.43
C LYS A 130 -4.08 29.93 -10.79
N GLN A 131 -3.63 28.71 -11.10
CA GLN A 131 -3.91 28.12 -12.40
C GLN A 131 -5.38 27.76 -12.57
N ASN A 132 -6.13 27.60 -11.47
CA ASN A 132 -7.56 27.33 -11.54
C ASN A 132 -8.40 28.58 -11.32
N LYS A 133 -7.79 29.76 -11.41
CA LYS A 133 -8.49 31.04 -11.39
C LYS A 133 -9.45 31.16 -10.20
N VAL A 134 -8.88 30.99 -9.01
CA VAL A 134 -9.60 31.21 -7.75
C VAL A 134 -9.02 32.45 -7.09
N VAL A 135 -9.90 33.27 -6.53
CA VAL A 135 -9.51 34.52 -5.89
C VAL A 135 -9.35 34.28 -4.40
N HIS A 136 -8.20 34.64 -3.86
CA HIS A 136 -7.88 34.47 -2.45
C HIS A 136 -7.93 35.83 -1.75
N VAL A 137 -8.58 35.86 -0.58
CA VAL A 137 -8.66 37.06 0.24
C VAL A 137 -8.24 36.66 1.65
N ASN A 138 -7.21 37.34 2.17
CA ASN A 138 -6.62 36.98 3.45
C ASN A 138 -7.28 37.81 4.56
N GLY A 139 -8.47 37.35 4.98
CA GLY A 139 -9.21 38.05 6.01
C GLY A 139 -10.14 37.13 6.77
N TYR A 140 -10.73 37.67 7.83
CA TYR A 140 -11.69 36.96 8.66
C TYR A 140 -13.09 37.22 8.11
N GLY A 141 -13.72 36.21 7.54
CA GLY A 141 -14.98 36.37 6.85
C GLY A 141 -16.18 36.25 7.79
N LYS A 142 -17.10 37.20 7.68
CA LYS A 142 -18.38 37.16 8.37
C LYS A 142 -19.48 37.34 7.34
N ILE A 143 -20.51 36.51 7.41
CA ILE A 143 -21.61 36.59 6.46
C ILE A 143 -22.44 37.83 6.78
N THR A 144 -22.17 38.93 6.05
CA THR A 144 -22.89 40.17 6.30
C THR A 144 -24.35 40.06 5.90
N GLY A 145 -24.63 39.36 4.80
CA GLY A 145 -26.00 39.20 4.35
C GLY A 145 -26.17 37.87 3.64
N LYS A 146 -27.42 37.58 3.27
CA LYS A 146 -27.74 36.34 2.58
C LYS A 146 -26.98 36.19 1.27
N ASN A 147 -26.51 37.29 0.68
CA ASN A 147 -25.75 37.25 -0.56
C ASN A 147 -24.53 38.14 -0.51
N GLN A 148 -23.95 38.32 0.69
CA GLN A 148 -22.70 39.06 0.79
C GLN A 148 -21.92 38.62 2.03
N VAL A 149 -20.62 38.43 1.84
CA VAL A 149 -19.69 38.13 2.92
C VAL A 149 -18.66 39.25 2.97
N THR A 150 -18.38 39.75 4.16
CA THR A 150 -17.36 40.77 4.38
C THR A 150 -16.21 40.16 5.15
N ALA A 151 -15.00 40.32 4.63
CA ALA A 151 -13.80 39.79 5.25
C ALA A 151 -12.99 40.96 5.80
N THR A 152 -12.70 40.93 7.10
CA THR A 152 -11.88 41.94 7.74
C THR A 152 -10.44 41.45 7.78
N LYS A 153 -9.57 42.12 7.03
CA LYS A 153 -8.15 41.80 7.04
C LYS A 153 -7.51 42.33 8.33
N ALA A 154 -6.22 42.02 8.51
CA ALA A 154 -5.53 42.42 9.72
C ALA A 154 -5.41 43.94 9.85
N ASP A 155 -5.31 44.65 8.71
CA ASP A 155 -5.24 46.11 8.74
C ASP A 155 -6.54 46.76 9.17
N GLY A 156 -7.65 46.02 9.25
CA GLY A 156 -8.94 46.60 9.52
C GLY A 156 -9.77 46.90 8.29
N GLY A 157 -9.13 46.97 7.12
CA GLY A 157 -9.89 47.13 5.89
C GLY A 157 -10.77 45.91 5.63
N THR A 158 -11.96 46.18 5.10
CA THR A 158 -12.96 45.14 4.89
C THR A 158 -13.22 44.97 3.40
N GLN A 159 -13.17 43.71 2.94
CA GLN A 159 -13.47 43.37 1.56
C GLN A 159 -14.87 42.78 1.51
N VAL A 160 -15.78 43.46 0.82
CA VAL A 160 -17.18 43.03 0.73
C VAL A 160 -17.32 42.19 -0.53
N ILE A 161 -17.61 40.90 -0.34
CA ILE A 161 -17.89 39.99 -1.43
C ILE A 161 -19.40 39.83 -1.55
N ASP A 162 -19.92 40.06 -2.75
CA ASP A 162 -21.32 39.82 -3.08
C ASP A 162 -21.39 38.58 -3.95
N THR A 163 -22.05 37.54 -3.46
CA THR A 163 -22.00 36.23 -4.06
C THR A 163 -23.40 35.60 -4.08
N LYS A 164 -23.61 34.70 -5.04
CA LYS A 164 -24.87 33.98 -5.15
C LYS A 164 -24.97 32.87 -4.12
N ASN A 165 -23.87 32.17 -3.87
CA ASN A 165 -23.84 31.11 -2.88
C ASN A 165 -22.64 31.29 -1.96
N ILE A 166 -22.76 30.73 -0.74
CA ILE A 166 -21.74 30.85 0.29
C ILE A 166 -21.51 29.47 0.89
N LEU A 167 -20.27 29.01 0.88
CA LEU A 167 -19.90 27.73 1.48
C LEU A 167 -19.18 27.98 2.80
N ILE A 168 -19.66 27.35 3.86
CA ILE A 168 -19.09 27.48 5.19
C ILE A 168 -18.15 26.31 5.41
N ALA A 169 -16.85 26.60 5.47
CA ALA A 169 -15.81 25.62 5.76
C ALA A 169 -14.88 26.13 6.85
N THR A 170 -15.46 26.77 7.87
CA THR A 170 -14.67 27.37 8.94
C THR A 170 -13.85 26.36 9.73
N GLY A 171 -14.10 25.06 9.51
CA GLY A 171 -13.28 24.02 10.11
C GLY A 171 -13.58 23.68 11.54
N SER A 172 -12.51 23.47 12.31
CA SER A 172 -12.64 22.98 13.68
C SER A 172 -11.52 23.56 14.52
N GLU A 173 -11.64 23.40 15.84
CA GLU A 173 -10.63 23.80 16.80
C GLU A 173 -10.54 22.73 17.88
N VAL A 174 -9.56 22.89 18.76
CA VAL A 174 -9.31 21.92 19.83
C VAL A 174 -10.31 22.12 20.96
N THR A 175 -10.84 21.03 21.49
CA THR A 175 -11.67 21.08 22.68
C THR A 175 -10.78 21.27 23.91
N PRO A 176 -10.94 22.34 24.68
CA PRO A 176 -10.13 22.52 25.89
C PRO A 176 -10.64 21.64 27.04
N PHE A 177 -9.69 21.07 27.77
CA PHE A 177 -10.05 20.31 28.95
C PHE A 177 -10.42 21.26 30.08
N PRO A 178 -11.45 20.95 30.87
CA PRO A 178 -11.83 21.84 31.97
C PRO A 178 -10.72 21.92 33.02
N GLY A 179 -10.34 23.14 33.37
CA GLY A 179 -9.34 23.37 34.39
C GLY A 179 -7.91 23.43 33.90
N ILE A 180 -7.67 23.22 32.61
CA ILE A 180 -6.34 23.26 32.04
C ILE A 180 -6.33 24.26 30.89
N THR A 181 -5.26 25.03 30.79
CA THR A 181 -5.10 25.99 29.70
C THR A 181 -3.83 25.65 28.95
N ILE A 182 -3.99 25.28 27.67
CA ILE A 182 -2.85 24.98 26.83
C ILE A 182 -2.04 26.25 26.64
N ASP A 183 -0.79 26.22 27.08
CA ASP A 183 0.12 27.34 26.85
C ASP A 183 1.02 27.11 25.65
N GLU A 184 0.92 25.95 25.00
CA GLU A 184 1.68 25.60 23.80
C GLU A 184 3.19 25.61 24.02
N ASP A 185 3.64 25.59 25.27
CA ASP A 185 5.05 25.45 25.60
C ASP A 185 5.32 24.16 26.36
N THR A 186 4.71 23.98 27.54
CA THR A 186 4.76 22.71 28.25
C THR A 186 3.41 22.03 28.34
N ILE A 187 2.32 22.80 28.46
CA ILE A 187 0.96 22.29 28.29
C ILE A 187 0.57 22.62 26.85
N VAL A 188 0.69 21.64 25.97
CA VAL A 188 0.56 21.86 24.54
C VAL A 188 -0.69 21.15 24.02
N SER A 189 -1.16 21.61 22.87
CA SER A 189 -2.16 20.92 22.08
C SER A 189 -1.45 20.15 20.98
N SER A 190 -2.19 19.70 19.97
CA SER A 190 -1.55 19.12 18.80
C SER A 190 -0.61 20.14 18.14
N THR A 191 -1.02 21.41 18.11
CA THR A 191 -0.20 22.44 17.48
C THR A 191 1.18 22.53 18.11
N GLY A 192 1.24 22.58 19.44
CA GLY A 192 2.52 22.69 20.12
C GLY A 192 3.30 21.39 20.11
N ALA A 193 2.61 20.26 20.22
CA ALA A 193 3.27 18.97 20.22
C ALA A 193 3.94 18.67 18.88
N LEU A 194 3.59 19.37 17.82
CA LEU A 194 4.27 19.21 16.54
C LEU A 194 5.52 20.06 16.42
N SER A 195 5.79 20.91 17.41
CA SER A 195 6.90 21.84 17.35
C SER A 195 7.67 21.89 18.66
N LEU A 196 7.66 20.79 19.42
CA LEU A 196 8.43 20.72 20.66
C LEU A 196 9.91 20.85 20.36
N LYS A 197 10.62 21.59 21.22
CA LYS A 197 12.00 21.96 20.93
C LYS A 197 12.99 20.86 21.31
N LYS A 198 12.74 20.16 22.41
CA LYS A 198 13.56 19.02 22.78
C LYS A 198 12.65 17.89 23.24
N VAL A 199 13.17 16.66 23.17
CA VAL A 199 12.40 15.47 23.51
C VAL A 199 12.05 15.53 25.00
N PRO A 200 10.77 15.58 25.36
CA PRO A 200 10.41 15.50 26.77
C PRO A 200 10.83 14.16 27.35
N GLU A 201 11.43 14.20 28.53
CA GLU A 201 11.83 12.97 29.20
C GLU A 201 10.65 12.22 29.78
N LYS A 202 9.53 12.92 30.00
CA LYS A 202 8.28 12.31 30.39
C LYS A 202 7.14 13.10 29.77
N MET A 203 6.12 12.39 29.29
CA MET A 203 4.99 13.01 28.61
C MET A 203 3.71 12.28 29.00
N VAL A 204 2.69 13.04 29.37
CA VAL A 204 1.36 12.49 29.65
C VAL A 204 0.40 13.07 28.63
N VAL A 205 -0.37 12.18 27.99
CA VAL A 205 -1.30 12.55 26.93
C VAL A 205 -2.71 12.25 27.43
N ILE A 206 -3.52 13.28 27.59
CA ILE A 206 -4.93 13.12 27.88
C ILE A 206 -5.65 12.88 26.55
N GLY A 207 -6.29 11.73 26.41
CA GLY A 207 -6.98 11.40 25.19
C GLY A 207 -6.26 10.37 24.35
N ALA A 208 -6.69 9.11 24.44
CA ALA A 208 -6.13 8.03 23.65
C ALA A 208 -6.78 7.89 22.28
N GLY A 209 -7.16 9.02 21.67
CA GLY A 209 -7.72 9.01 20.33
C GLY A 209 -6.65 8.80 19.27
N VAL A 210 -7.02 9.09 18.03
CA VAL A 210 -6.10 8.92 16.91
C VAL A 210 -4.91 9.84 17.06
N ILE A 211 -5.17 11.14 17.21
CA ILE A 211 -4.08 12.12 17.33
C ILE A 211 -3.24 11.84 18.56
N GLY A 212 -3.88 11.48 19.68
CA GLY A 212 -3.13 11.22 20.91
C GLY A 212 -2.21 10.03 20.78
N VAL A 213 -2.73 8.90 20.29
CA VAL A 213 -1.92 7.71 20.12
C VAL A 213 -0.80 7.95 19.13
N GLU A 214 -1.10 8.62 18.01
CA GLU A 214 -0.09 8.90 17.00
C GLU A 214 1.03 9.76 17.58
N LEU A 215 0.68 10.97 18.07
CA LEU A 215 1.69 11.87 18.60
C LEU A 215 2.47 11.26 19.75
N GLY A 216 1.81 10.43 20.57
CA GLY A 216 2.52 9.76 21.65
C GLY A 216 3.58 8.81 21.13
N SER A 217 3.28 8.09 20.05
CA SER A 217 4.25 7.16 19.48
C SER A 217 5.45 7.89 18.88
N VAL A 218 5.24 9.09 18.33
CA VAL A 218 6.33 9.86 17.74
C VAL A 218 7.40 10.14 18.80
N TRP A 219 7.00 10.76 19.91
CA TRP A 219 7.97 11.18 20.91
C TRP A 219 8.52 10.01 21.71
N GLN A 220 7.71 8.98 21.95
CA GLN A 220 8.19 7.81 22.69
C GLN A 220 9.31 7.11 21.92
N ARG A 221 9.19 7.04 20.58
CA ARG A 221 10.27 6.51 19.76
C ARG A 221 11.54 7.33 19.91
N LEU A 222 11.44 8.59 20.33
CA LEU A 222 12.59 9.46 20.52
C LEU A 222 13.07 9.48 21.97
N GLY A 223 12.53 8.61 22.83
CA GLY A 223 13.01 8.44 24.18
C GLY A 223 12.10 8.95 25.27
N ALA A 224 10.91 9.45 24.93
CA ALA A 224 10.02 10.00 25.94
C ALA A 224 9.33 8.89 26.72
N ASP A 225 8.98 9.20 27.97
CA ASP A 225 8.16 8.29 28.78
C ASP A 225 6.72 8.74 28.62
N VAL A 226 6.03 8.14 27.66
CA VAL A 226 4.68 8.55 27.28
C VAL A 226 3.67 7.65 27.96
N THR A 227 2.75 8.26 28.72
CA THR A 227 1.64 7.54 29.33
C THR A 227 0.36 8.27 28.97
N ALA A 228 -0.57 7.56 28.33
CA ALA A 228 -1.81 8.16 27.86
C ALA A 228 -2.97 7.79 28.77
N VAL A 229 -3.78 8.78 29.11
CA VAL A 229 -4.91 8.63 30.03
C VAL A 229 -6.20 8.80 29.26
N GLU A 230 -7.15 7.90 29.50
CA GLU A 230 -8.44 7.95 28.81
C GLU A 230 -9.54 7.52 29.77
N PHE A 231 -10.64 8.27 29.75
CA PHE A 231 -11.82 7.88 30.52
C PHE A 231 -12.43 6.59 29.98
N LEU A 232 -12.37 6.40 28.67
CA LEU A 232 -12.98 5.25 28.01
C LEU A 232 -12.08 4.01 28.17
N GLY A 233 -12.65 2.84 27.88
CA GLY A 233 -11.98 1.58 28.08
C GLY A 233 -11.30 1.01 26.84
N HIS A 234 -11.16 1.83 25.81
CA HIS A 234 -10.55 1.41 24.56
C HIS A 234 -9.68 2.53 24.01
N VAL A 235 -8.68 2.16 23.23
CA VAL A 235 -7.86 3.11 22.52
C VAL A 235 -8.36 3.20 21.09
N GLY A 236 -8.05 4.32 20.42
CA GLY A 236 -8.38 4.49 19.03
C GLY A 236 -9.40 5.56 18.72
N GLY A 237 -10.42 5.68 19.57
CA GLY A 237 -11.50 6.62 19.35
C GLY A 237 -12.77 5.91 18.89
N VAL A 238 -13.71 6.71 18.39
CA VAL A 238 -15.01 6.17 18.00
C VAL A 238 -14.88 5.42 16.67
N GLY A 239 -15.45 4.22 16.62
CA GLY A 239 -15.50 3.46 15.39
C GLY A 239 -14.50 2.35 15.23
N ILE A 240 -13.81 1.96 16.29
CA ILE A 240 -12.80 0.90 16.21
C ILE A 240 -13.41 -0.39 16.75
N ASP A 241 -13.02 -1.51 16.15
CA ASP A 241 -13.47 -2.80 16.63
C ASP A 241 -12.78 -3.13 17.94
N MET A 242 -13.54 -3.74 18.87
CA MET A 242 -12.98 -4.04 20.18
C MET A 242 -11.77 -4.96 20.08
N GLU A 243 -11.87 -5.99 19.24
CA GLU A 243 -10.74 -6.91 19.09
C GLU A 243 -9.52 -6.21 18.50
N ILE A 244 -9.75 -5.33 17.52
CA ILE A 244 -8.63 -4.59 16.93
C ILE A 244 -8.03 -3.62 17.94
N SER A 245 -8.87 -2.92 18.70
CA SER A 245 -8.38 -1.96 19.68
C SER A 245 -7.51 -2.62 20.74
N LYS A 246 -7.98 -3.76 21.28
CA LYS A 246 -7.22 -4.46 22.30
C LYS A 246 -5.85 -4.90 21.77
N ASN A 247 -5.84 -5.58 20.63
CA ASN A 247 -4.59 -6.06 20.06
C ASN A 247 -3.68 -4.90 19.65
N PHE A 248 -4.27 -3.77 19.25
CA PHE A 248 -3.47 -2.58 18.95
C PHE A 248 -2.80 -2.04 20.20
N GLN A 249 -3.56 -1.89 21.29
CA GLN A 249 -3.00 -1.44 22.56
C GLN A 249 -1.85 -2.32 23.00
N ARG A 250 -1.99 -3.64 22.86
CA ARG A 250 -0.95 -4.56 23.33
C ARG A 250 0.36 -4.32 22.59
N ILE A 251 0.32 -4.24 21.26
CA ILE A 251 1.53 -4.02 20.48
C ILE A 251 2.19 -2.70 20.86
N LEU A 252 1.38 -1.65 21.05
CA LEU A 252 1.92 -0.37 21.49
C LEU A 252 2.50 -0.48 22.89
N GLN A 253 1.79 -1.17 23.80
CA GLN A 253 2.27 -1.33 25.16
C GLN A 253 3.62 -2.04 25.21
N LYS A 254 3.91 -2.87 24.21
CA LYS A 254 5.22 -3.50 24.12
C LYS A 254 6.24 -2.63 23.40
N GLN A 255 5.79 -1.59 22.69
CA GLN A 255 6.71 -0.60 22.14
C GLN A 255 7.13 0.44 23.17
N GLY A 256 6.45 0.51 24.30
CA GLY A 256 6.73 1.51 25.32
C GLY A 256 5.57 2.41 25.69
N PHE A 257 4.42 2.26 25.04
CA PHE A 257 3.26 3.12 25.27
C PHE A 257 2.50 2.61 26.49
N LYS A 258 2.53 3.38 27.57
CA LYS A 258 1.79 3.04 28.78
C LYS A 258 0.40 3.65 28.73
N PHE A 259 -0.61 2.86 29.05
CA PHE A 259 -2.00 3.27 28.88
C PHE A 259 -2.74 3.19 30.21
N LYS A 260 -3.15 4.34 30.73
CA LYS A 260 -4.02 4.43 31.90
C LYS A 260 -5.44 4.71 31.40
N LEU A 261 -6.10 3.64 30.98
CA LEU A 261 -7.46 3.72 30.49
C LEU A 261 -8.45 3.56 31.65
N ASN A 262 -9.72 3.89 31.38
CA ASN A 262 -10.75 3.92 32.41
C ASN A 262 -10.37 4.84 33.55
N THR A 263 -9.62 5.88 33.23
CA THR A 263 -9.00 6.75 34.23
C THR A 263 -9.44 8.19 33.99
N LYS A 264 -9.88 8.85 35.07
CA LYS A 264 -10.39 10.21 35.00
C LYS A 264 -9.33 11.18 35.48
N VAL A 265 -9.19 12.29 34.77
CA VAL A 265 -8.24 13.34 35.12
C VAL A 265 -8.94 14.34 36.02
N THR A 266 -8.39 14.56 37.21
CA THR A 266 -8.98 15.47 38.18
C THR A 266 -8.42 16.89 38.05
N GLY A 267 -7.10 17.02 37.94
CA GLY A 267 -6.52 18.34 37.84
C GLY A 267 -5.07 18.29 37.39
N ALA A 268 -4.45 19.47 37.37
CA ALA A 268 -3.06 19.61 36.97
C ALA A 268 -2.52 20.92 37.51
N THR A 269 -1.21 20.96 37.74
CA THR A 269 -0.53 22.12 38.31
C THR A 269 0.84 22.29 37.67
N LYS A 270 1.07 23.45 37.07
CA LYS A 270 2.39 23.82 36.58
C LYS A 270 3.33 24.07 37.75
N LYS A 271 4.04 23.03 38.19
CA LYS A 271 4.93 23.13 39.33
C LYS A 271 6.03 24.16 39.09
N SER A 272 6.54 24.72 40.19
CA SER A 272 7.75 25.53 40.11
C SER A 272 8.95 24.70 39.69
N ASP A 273 8.89 23.38 39.87
CA ASP A 273 9.87 22.45 39.34
C ASP A 273 10.01 22.52 37.81
N GLY A 274 9.24 23.34 37.10
CA GLY A 274 9.19 23.26 35.64
C GLY A 274 8.30 22.15 35.08
N LYS A 275 8.04 21.12 35.87
CA LYS A 275 7.23 19.99 35.45
C LYS A 275 5.76 20.28 35.71
N ILE A 276 4.91 19.32 35.36
CA ILE A 276 3.46 19.46 35.47
C ILE A 276 2.95 18.28 36.29
N ASP A 277 2.46 18.56 37.49
CA ASP A 277 1.82 17.54 38.31
C ASP A 277 0.43 17.27 37.75
N VAL A 278 0.18 16.02 37.34
CA VAL A 278 -1.11 15.62 36.79
C VAL A 278 -1.78 14.69 37.79
N SER A 279 -2.95 15.11 38.28
CA SER A 279 -3.71 14.35 39.27
C SER A 279 -4.80 13.57 38.55
N ILE A 280 -4.80 12.25 38.74
CA ILE A 280 -5.72 11.36 38.03
C ILE A 280 -6.45 10.48 39.03
N GLU A 281 -7.58 9.96 38.60
CA GLU A 281 -8.41 9.10 39.43
C GLU A 281 -9.13 8.11 38.52
N ALA A 282 -9.75 7.11 39.11
CA ALA A 282 -10.55 6.17 38.33
C ALA A 282 -11.88 6.81 37.95
N ALA A 283 -12.53 6.22 36.95
CA ALA A 283 -13.87 6.66 36.59
C ALA A 283 -14.82 6.49 37.76
N SER A 284 -14.70 5.38 38.50
CA SER A 284 -15.45 5.24 39.75
C SER A 284 -14.90 6.16 40.83
N GLY A 285 -13.62 6.51 40.75
CA GLY A 285 -12.96 7.33 41.74
C GLY A 285 -12.27 6.56 42.84
N GLY A 286 -12.06 5.26 42.68
CA GLY A 286 -11.52 4.46 43.77
C GLY A 286 -10.05 4.70 44.00
N LYS A 287 -9.26 4.75 42.94
CA LYS A 287 -7.82 4.94 43.01
C LYS A 287 -7.48 6.36 42.58
N ALA A 288 -6.84 7.11 43.48
CA ALA A 288 -6.48 8.50 43.25
C ALA A 288 -4.95 8.60 43.26
N GLU A 289 -4.35 8.64 42.07
CA GLU A 289 -2.92 8.77 41.91
C GLU A 289 -2.57 10.15 41.37
N VAL A 290 -1.28 10.46 41.38
CA VAL A 290 -0.76 11.69 40.79
C VAL A 290 0.51 11.36 40.02
N ILE A 291 0.55 11.72 38.75
CA ILE A 291 1.72 11.52 37.91
C ILE A 291 2.28 12.89 37.54
N THR A 292 3.57 12.91 37.21
CA THR A 292 4.29 14.12 36.86
C THR A 292 4.95 13.96 35.50
N CYS A 293 4.90 15.02 34.69
CA CYS A 293 5.41 14.97 33.33
C CYS A 293 6.11 16.28 33.00
N ASP A 294 7.11 16.19 32.12
CA ASP A 294 7.75 17.38 31.58
C ASP A 294 6.83 18.11 30.60
N VAL A 295 5.97 17.36 29.90
CA VAL A 295 5.09 17.92 28.88
C VAL A 295 3.72 17.26 29.01
N LEU A 296 2.66 18.07 28.95
CA LEU A 296 1.28 17.59 29.01
C LEU A 296 0.59 17.93 27.70
N LEU A 297 0.14 16.90 26.99
CA LEU A 297 -0.60 17.04 25.75
C LEU A 297 -2.07 16.75 26.00
N VAL A 298 -2.91 17.75 25.79
CA VAL A 298 -4.36 17.61 25.94
C VAL A 298 -4.92 17.31 24.57
N CYS A 299 -5.45 16.10 24.38
CA CYS A 299 -6.02 15.67 23.11
C CYS A 299 -7.33 14.94 23.37
N ILE A 300 -8.27 15.63 24.03
CA ILE A 300 -9.58 15.02 24.28
C ILE A 300 -10.50 15.09 23.08
N GLY A 301 -10.13 15.81 22.04
CA GLY A 301 -10.92 15.86 20.82
C GLY A 301 -10.86 17.23 20.19
N ARG A 302 -11.66 17.39 19.14
CA ARG A 302 -11.80 18.66 18.43
C ARG A 302 -13.28 18.97 18.29
N ARG A 303 -13.58 20.21 17.97
CA ARG A 303 -14.95 20.70 17.99
C ARG A 303 -15.18 21.66 16.83
N PRO A 304 -16.43 21.82 16.38
CA PRO A 304 -16.72 22.71 15.26
C PRO A 304 -16.42 24.17 15.60
N PHE A 305 -15.73 24.84 14.68
CA PHE A 305 -15.36 26.24 14.84
C PHE A 305 -16.36 27.09 14.07
N THR A 306 -17.17 27.88 14.78
CA THR A 306 -18.20 28.72 14.18
C THR A 306 -18.18 30.14 14.76
N LYS A 307 -17.03 30.57 15.27
CA LYS A 307 -16.96 31.84 15.98
C LYS A 307 -16.92 33.03 15.01
N ASN A 308 -17.55 34.13 15.44
CA ASN A 308 -17.53 35.41 14.74
C ASN A 308 -17.81 35.23 13.25
N LEU A 309 -18.91 34.55 12.95
CA LEU A 309 -19.25 34.20 11.58
C LEU A 309 -20.52 34.86 11.08
N GLY A 310 -21.46 35.18 11.96
CA GLY A 310 -22.73 35.75 11.58
C GLY A 310 -23.87 34.77 11.40
N LEU A 311 -23.82 33.61 12.06
CA LEU A 311 -24.90 32.64 11.93
C LEU A 311 -26.12 33.00 12.77
N GLU A 312 -25.90 33.61 13.94
CA GLU A 312 -27.02 34.04 14.78
C GLU A 312 -27.86 35.09 14.06
N GLU A 313 -27.22 36.07 13.42
CA GLU A 313 -27.97 37.11 12.71
C GLU A 313 -28.73 36.50 11.53
N LEU A 314 -28.09 35.62 10.77
CA LEU A 314 -28.82 34.88 9.73
C LEU A 314 -29.90 33.98 10.30
N GLY A 315 -30.01 33.83 11.62
CA GLY A 315 -31.06 32.97 12.14
C GLY A 315 -30.90 31.48 11.90
N ILE A 316 -29.68 30.99 11.80
CA ILE A 316 -29.42 29.55 11.66
C ILE A 316 -28.78 29.09 12.96
N GLU A 317 -29.51 28.25 13.68
CA GLU A 317 -29.03 27.71 14.96
C GLU A 317 -28.08 26.54 14.70
N LEU A 318 -27.24 26.28 15.70
CA LEU A 318 -26.36 25.12 15.68
C LEU A 318 -27.06 23.94 16.35
N ASP A 319 -26.38 22.81 16.40
CA ASP A 319 -26.85 21.64 17.14
C ASP A 319 -26.11 21.55 18.48
N PRO A 320 -26.54 20.64 19.38
CA PRO A 320 -25.86 20.50 20.67
C PRO A 320 -24.33 20.48 20.63
N ARG A 321 -23.73 19.74 19.70
CA ARG A 321 -22.27 19.72 19.60
C ARG A 321 -21.72 21.03 19.05
N GLY A 322 -22.51 21.75 18.25
CA GLY A 322 -22.07 23.03 17.73
C GLY A 322 -21.94 23.05 16.22
N ARG A 323 -22.43 21.98 15.59
CA ARG A 323 -22.33 21.79 14.15
C ARG A 323 -23.48 22.46 13.43
N ILE A 324 -23.24 22.87 12.19
CA ILE A 324 -24.27 23.48 11.34
C ILE A 324 -25.06 22.36 10.66
N PRO A 325 -26.33 22.16 11.04
CA PRO A 325 -27.13 21.12 10.39
C PRO A 325 -27.40 21.47 8.93
N VAL A 326 -27.32 20.45 8.08
CA VAL A 326 -27.48 20.60 6.65
C VAL A 326 -28.37 19.48 6.14
N ASN A 327 -28.64 19.49 4.83
CA ASN A 327 -29.46 18.50 4.17
C ASN A 327 -28.58 17.63 3.26
N THR A 328 -29.22 16.91 2.34
CA THR A 328 -28.46 16.03 1.44
C THR A 328 -27.58 16.84 0.49
N ARG A 329 -28.08 17.98 0.01
CA ARG A 329 -27.32 18.85 -0.87
C ARG A 329 -26.40 19.79 -0.11
N PHE A 330 -26.28 19.62 1.20
CA PHE A 330 -25.29 20.30 2.03
C PHE A 330 -25.53 21.81 2.12
N GLN A 331 -26.79 22.20 2.28
CA GLN A 331 -27.17 23.59 2.49
C GLN A 331 -27.88 23.72 3.82
N THR A 332 -27.78 24.90 4.43
CA THR A 332 -28.44 25.14 5.71
C THR A 332 -29.89 25.54 5.47
N LYS A 333 -30.55 26.03 6.53
CA LYS A 333 -31.93 26.50 6.40
C LYS A 333 -32.04 27.58 5.33
N ILE A 334 -31.05 28.46 5.25
CA ILE A 334 -30.93 29.40 4.14
C ILE A 334 -30.36 28.62 2.95
N PRO A 335 -31.10 28.48 1.85
CA PRO A 335 -30.67 27.53 0.80
C PRO A 335 -29.41 27.93 0.07
N ASN A 336 -29.25 29.22 -0.26
CA ASN A 336 -28.07 29.62 -1.01
C ASN A 336 -26.79 29.63 -0.16
N ILE A 337 -26.86 29.29 1.12
CA ILE A 337 -25.69 29.18 1.98
C ILE A 337 -25.48 27.71 2.29
N TYR A 338 -24.34 27.17 1.86
CA TYR A 338 -23.99 25.77 2.02
C TYR A 338 -22.93 25.61 3.09
N ALA A 339 -22.79 24.39 3.60
CA ALA A 339 -21.83 24.09 4.66
C ALA A 339 -21.36 22.65 4.55
N THR A 340 -20.03 22.48 4.57
CA THR A 340 -19.40 21.18 4.47
C THR A 340 -18.19 21.13 5.40
N GLY A 341 -17.75 19.92 5.68
CA GLY A 341 -16.49 19.68 6.36
C GLY A 341 -16.68 19.20 7.80
N ASP A 342 -15.65 19.45 8.61
CA ASP A 342 -15.74 19.22 10.04
C ASP A 342 -16.80 20.08 10.70
N VAL A 343 -17.19 21.20 10.06
CA VAL A 343 -18.22 22.05 10.61
C VAL A 343 -19.54 21.31 10.71
N VAL A 344 -19.87 20.54 9.68
CA VAL A 344 -21.11 19.77 9.69
C VAL A 344 -20.84 18.42 10.34
N ALA A 345 -21.91 17.66 10.58
CA ALA A 345 -21.76 16.35 11.21
C ALA A 345 -21.01 15.40 10.29
N GLY A 346 -20.61 14.25 10.86
CA GLY A 346 -19.86 13.27 10.12
C GLY A 346 -18.44 13.12 10.64
N PRO A 347 -17.76 12.07 10.20
CA PRO A 347 -16.39 11.82 10.67
C PRO A 347 -15.47 12.98 10.33
N MET A 348 -14.95 13.61 11.37
CA MET A 348 -14.11 14.79 11.20
C MET A 348 -12.74 14.39 10.63
N LEU A 349 -12.74 13.88 9.40
CA LEU A 349 -11.53 13.47 8.71
C LEU A 349 -11.34 14.34 7.46
N ALA A 350 -10.10 14.36 6.98
CA ALA A 350 -9.74 15.28 5.90
C ALA A 350 -10.42 14.88 4.58
N HIS A 351 -10.31 13.60 4.20
CA HIS A 351 -10.90 13.15 2.95
C HIS A 351 -12.42 13.32 2.92
N LYS A 352 -13.08 13.18 4.07
CA LYS A 352 -14.53 13.37 4.10
C LYS A 352 -14.89 14.80 3.72
N ALA A 353 -14.22 15.78 4.32
CA ALA A 353 -14.47 17.17 3.98
C ALA A 353 -14.20 17.42 2.50
N GLU A 354 -13.13 16.83 1.97
CA GLU A 354 -12.83 16.97 0.55
C GLU A 354 -13.99 16.50 -0.31
N ASP A 355 -14.44 15.26 -0.09
CA ASP A 355 -15.58 14.73 -0.84
C ASP A 355 -16.78 15.66 -0.69
N GLU A 356 -17.21 15.90 0.55
CA GLU A 356 -18.34 16.79 0.81
C GLU A 356 -18.23 18.10 0.04
N GLY A 357 -17.02 18.66 -0.04
CA GLY A 357 -16.82 19.85 -0.84
C GLY A 357 -17.05 19.61 -2.32
N ILE A 358 -16.63 18.44 -2.81
CA ILE A 358 -16.81 18.14 -4.23
C ILE A 358 -18.29 17.93 -4.56
N ILE A 359 -18.96 17.06 -3.81
CA ILE A 359 -20.36 16.76 -4.09
C ILE A 359 -21.20 18.02 -3.96
N CYS A 360 -20.86 18.88 -3.00
CA CYS A 360 -21.65 20.09 -2.76
C CYS A 360 -21.60 21.02 -3.97
N VAL A 361 -20.38 21.41 -4.38
CA VAL A 361 -20.26 22.32 -5.52
C VAL A 361 -20.76 21.67 -6.81
N GLU A 362 -20.84 20.33 -6.85
CA GLU A 362 -21.48 19.66 -7.98
C GLU A 362 -22.99 19.71 -7.88
N GLY A 363 -23.53 19.58 -6.66
CA GLY A 363 -24.95 19.79 -6.47
C GLY A 363 -25.38 21.19 -6.84
N MET A 364 -24.52 22.19 -6.57
CA MET A 364 -24.80 23.54 -7.01
C MET A 364 -24.88 23.61 -8.54
N ALA A 365 -23.97 22.93 -9.22
CA ALA A 365 -23.97 22.88 -10.68
C ALA A 365 -24.98 21.88 -11.25
N GLY A 366 -25.78 21.24 -10.41
CA GLY A 366 -26.77 20.29 -10.89
C GLY A 366 -26.27 18.85 -10.87
N GLY A 367 -26.35 18.21 -9.72
CA GLY A 367 -25.89 16.83 -9.59
C GLY A 367 -26.58 16.13 -8.45
N ALA A 368 -26.44 14.80 -8.46
CA ALA A 368 -27.04 13.95 -7.42
C ALA A 368 -26.08 13.89 -6.23
N VAL A 369 -26.42 14.59 -5.16
CA VAL A 369 -25.58 14.66 -3.97
C VAL A 369 -25.92 13.45 -3.11
N HIS A 370 -25.05 12.43 -3.13
CA HIS A 370 -25.20 11.26 -2.26
C HIS A 370 -23.82 10.81 -1.82
N ILE A 371 -23.59 10.85 -0.51
CA ILE A 371 -22.36 10.34 0.09
C ILE A 371 -22.75 9.38 1.20
N ASP A 372 -22.08 8.23 1.23
CA ASP A 372 -22.32 7.20 2.25
C ASP A 372 -21.13 7.21 3.20
N TYR A 373 -21.35 7.73 4.42
CA TYR A 373 -20.29 7.81 5.41
C TYR A 373 -19.88 6.45 5.95
N ASN A 374 -20.65 5.40 5.66
CA ASN A 374 -20.21 4.05 6.04
C ASN A 374 -19.03 3.60 5.22
N CYS A 375 -18.93 4.06 3.97
CA CYS A 375 -17.79 3.78 3.11
C CYS A 375 -16.64 4.76 3.31
N VAL A 376 -16.60 5.45 4.44
CA VAL A 376 -15.55 6.42 4.73
C VAL A 376 -14.47 5.71 5.56
N PRO A 377 -13.24 5.65 5.08
CA PRO A 377 -12.20 4.95 5.84
C PRO A 377 -11.60 5.82 6.92
N SER A 378 -10.98 5.16 7.89
CA SER A 378 -10.29 5.80 8.99
C SER A 378 -8.92 5.16 9.12
N VAL A 379 -7.87 5.98 9.24
CA VAL A 379 -6.50 5.49 9.24
C VAL A 379 -5.76 6.06 10.42
N ILE A 380 -5.33 5.19 11.33
CA ILE A 380 -4.32 5.53 12.33
C ILE A 380 -2.96 5.23 11.73
N TYR A 381 -2.16 6.28 11.53
CA TYR A 381 -0.87 6.16 10.85
C TYR A 381 0.27 5.81 11.81
N THR A 382 -0.02 5.05 12.86
CA THR A 382 1.03 4.47 13.68
C THR A 382 1.70 3.31 12.92
N HIS A 383 2.71 2.72 13.54
CA HIS A 383 3.36 1.51 13.05
C HIS A 383 3.44 0.57 14.23
N PRO A 384 2.53 -0.42 14.33
CA PRO A 384 1.53 -0.92 13.38
C PRO A 384 0.42 0.07 13.02
N GLU A 385 0.03 0.03 11.75
CA GLU A 385 -1.07 0.85 11.27
C GLU A 385 -2.41 0.20 11.57
N VAL A 386 -3.39 1.02 11.92
CA VAL A 386 -4.78 0.58 12.07
C VAL A 386 -5.61 1.37 11.08
N ALA A 387 -6.47 0.67 10.34
CA ALA A 387 -7.28 1.29 9.31
C ALA A 387 -8.48 0.41 9.02
N TRP A 388 -9.68 0.99 8.96
CA TRP A 388 -10.91 0.23 8.82
C TRP A 388 -11.90 0.99 7.95
N VAL A 389 -12.76 0.22 7.26
CA VAL A 389 -13.89 0.76 6.51
C VAL A 389 -15.10 -0.11 6.82
N GLY A 390 -16.18 0.51 7.27
CA GLY A 390 -17.43 -0.18 7.48
C GLY A 390 -17.86 -0.16 8.94
N LYS A 391 -18.53 -1.22 9.35
CA LYS A 391 -19.10 -1.34 10.69
C LYS A 391 -18.22 -2.24 11.55
N SER A 392 -18.11 -1.89 12.83
CA SER A 392 -17.41 -2.76 13.78
C SER A 392 -18.31 -3.93 14.15
N GLU A 393 -17.69 -4.98 14.69
CA GLU A 393 -18.47 -6.09 15.24
C GLU A 393 -19.51 -5.60 16.25
N GLU A 394 -19.22 -4.51 16.95
CA GLU A 394 -20.13 -4.00 17.96
C GLU A 394 -21.25 -3.17 17.34
N GLN A 395 -20.92 -2.34 16.34
CA GLN A 395 -21.95 -1.60 15.61
C GLN A 395 -22.99 -2.54 15.01
N LEU A 396 -22.54 -3.67 14.47
CA LEU A 396 -23.47 -4.65 13.92
C LEU A 396 -24.26 -5.36 15.01
N LYS A 397 -23.64 -5.61 16.16
CA LYS A 397 -24.38 -6.20 17.28
C LYS A 397 -25.52 -5.30 17.73
N GLU A 398 -25.27 -3.99 17.78
CA GLU A 398 -26.33 -3.04 18.11
C GLU A 398 -27.45 -3.09 17.08
N GLU A 399 -27.09 -2.96 15.80
CA GLU A 399 -28.06 -2.99 14.72
C GLU A 399 -28.65 -4.36 14.47
N GLY A 400 -28.32 -5.37 15.28
CA GLY A 400 -28.89 -6.69 15.11
C GLY A 400 -28.45 -7.46 13.90
N ILE A 401 -27.61 -6.87 13.05
CA ILE A 401 -27.11 -7.56 11.86
C ILE A 401 -26.27 -8.75 12.27
N GLU A 402 -26.68 -9.94 11.85
CA GLU A 402 -25.88 -11.14 12.07
C GLU A 402 -24.91 -11.33 10.91
N TYR A 403 -23.67 -11.68 11.25
CA TYR A 403 -22.55 -11.61 10.32
C TYR A 403 -21.67 -12.83 10.49
N LYS A 404 -20.65 -12.93 9.64
CA LYS A 404 -19.57 -13.89 9.78
C LYS A 404 -18.26 -13.12 9.92
N VAL A 405 -17.24 -13.79 10.44
CA VAL A 405 -15.93 -13.21 10.68
C VAL A 405 -14.89 -13.96 9.88
N GLY A 406 -14.09 -13.24 9.12
CA GLY A 406 -12.93 -13.81 8.43
C GLY A 406 -11.67 -13.10 8.90
N LYS A 407 -10.60 -13.89 9.09
CA LYS A 407 -9.37 -13.37 9.66
C LYS A 407 -8.16 -14.01 8.97
N PHE A 408 -7.18 -13.18 8.64
CA PHE A 408 -5.91 -13.66 8.09
C PHE A 408 -4.78 -12.91 8.79
N PRO A 409 -3.89 -13.60 9.50
CA PRO A 409 -2.76 -12.92 10.14
C PRO A 409 -1.68 -12.55 9.14
N PHE A 410 -1.03 -11.42 9.41
CA PHE A 410 0.12 -11.02 8.60
C PHE A 410 1.32 -11.91 8.84
N ALA A 411 1.30 -12.72 9.91
CA ALA A 411 2.34 -13.73 10.10
C ALA A 411 2.31 -14.75 8.97
N ALA A 412 1.15 -14.98 8.37
CA ALA A 412 1.00 -15.90 7.26
C ALA A 412 1.01 -15.21 5.90
N ASN A 413 0.99 -13.88 5.86
CA ASN A 413 1.12 -13.16 4.60
C ASN A 413 2.57 -13.16 4.15
N SER A 414 2.77 -13.35 2.84
CA SER A 414 4.11 -13.57 2.32
C SER A 414 4.98 -12.32 2.45
N ARG A 415 4.54 -11.21 1.83
CA ARG A 415 5.35 -9.99 1.83
C ARG A 415 5.64 -9.47 3.24
N ALA A 416 4.79 -9.81 4.22
CA ALA A 416 5.08 -9.45 5.60
C ALA A 416 6.30 -10.19 6.12
N LYS A 417 6.29 -11.52 6.03
CA LYS A 417 7.40 -12.32 6.54
C LYS A 417 8.69 -12.03 5.77
N THR A 418 8.59 -11.72 4.48
CA THR A 418 9.77 -11.29 3.73
C THR A 418 10.28 -9.94 4.22
N ASN A 419 9.39 -9.06 4.65
CA ASN A 419 9.78 -7.76 5.20
C ASN A 419 9.93 -7.78 6.72
N ALA A 420 9.52 -8.88 7.36
CA ALA A 420 9.59 -9.16 8.80
C ALA A 420 8.58 -8.35 9.62
N ASP A 421 7.67 -7.60 8.98
CA ASP A 421 6.62 -6.91 9.72
C ASP A 421 5.44 -7.87 9.81
N THR A 422 5.52 -8.75 10.80
CA THR A 422 4.51 -9.79 10.95
C THR A 422 3.63 -9.54 12.17
N ASP A 423 3.13 -8.32 12.32
CA ASP A 423 2.23 -7.95 13.40
C ASP A 423 0.87 -7.59 12.83
N GLY A 424 -0.18 -8.18 13.38
CA GLY A 424 -1.54 -7.77 13.12
C GLY A 424 -2.32 -8.76 12.28
N MET A 425 -3.46 -8.28 11.77
CA MET A 425 -4.41 -9.14 11.09
C MET A 425 -5.31 -8.28 10.19
N VAL A 426 -6.08 -8.96 9.36
CA VAL A 426 -7.13 -8.33 8.56
C VAL A 426 -8.43 -9.07 8.87
N LYS A 427 -9.39 -8.35 9.45
CA LYS A 427 -10.67 -8.94 9.84
C LYS A 427 -11.75 -8.44 8.88
N ILE A 428 -12.45 -9.38 8.24
CA ILE A 428 -13.53 -9.09 7.31
C ILE A 428 -14.84 -9.58 7.91
N LEU A 429 -15.84 -8.70 7.95
CA LEU A 429 -17.16 -9.03 8.47
C LEU A 429 -18.16 -9.00 7.33
N GLY A 430 -18.95 -10.06 7.21
CA GLY A 430 -19.94 -10.15 6.15
C GLY A 430 -21.24 -10.75 6.62
N GLN A 431 -22.36 -10.25 6.09
CA GLN A 431 -23.67 -10.75 6.49
C GLN A 431 -23.81 -12.23 6.14
N LYS A 432 -24.43 -12.99 7.05
CA LYS A 432 -24.52 -14.44 6.88
C LYS A 432 -25.19 -14.81 5.56
N SER A 433 -26.30 -14.16 5.24
CA SER A 433 -27.08 -14.54 4.06
C SER A 433 -26.51 -13.95 2.79
N THR A 434 -26.24 -12.65 2.78
CA THR A 434 -25.85 -11.98 1.55
C THR A 434 -24.37 -12.11 1.23
N ASP A 435 -23.55 -12.53 2.20
CA ASP A 435 -22.09 -12.52 2.10
C ASP A 435 -21.55 -11.12 1.78
N ARG A 436 -22.38 -10.09 1.93
CA ARG A 436 -21.98 -8.74 1.62
C ARG A 436 -20.97 -8.22 2.63
N VAL A 437 -19.92 -7.56 2.14
CA VAL A 437 -18.92 -6.98 3.02
C VAL A 437 -19.58 -5.90 3.86
N LEU A 438 -19.74 -6.16 5.16
CA LEU A 438 -20.30 -5.16 6.05
C LEU A 438 -19.24 -4.18 6.53
N GLY A 439 -18.12 -4.70 7.03
CA GLY A 439 -17.03 -3.87 7.49
C GLY A 439 -15.71 -4.60 7.32
N ALA A 440 -14.65 -3.80 7.25
CA ALA A 440 -13.30 -4.33 7.09
C ALA A 440 -12.37 -3.60 8.06
N HIS A 441 -11.52 -4.36 8.75
CA HIS A 441 -10.62 -3.80 9.75
C HIS A 441 -9.25 -4.41 9.59
N ILE A 442 -8.23 -3.56 9.52
CA ILE A 442 -6.86 -3.99 9.23
C ILE A 442 -5.94 -3.44 10.30
N LEU A 443 -5.22 -4.32 10.98
CA LEU A 443 -4.17 -3.95 11.93
C LEU A 443 -2.85 -4.49 11.41
N GLY A 444 -1.88 -3.60 11.21
CA GLY A 444 -0.57 -4.02 10.77
C GLY A 444 0.01 -3.18 9.65
N PRO A 445 0.90 -3.78 8.85
CA PRO A 445 1.59 -3.02 7.81
C PRO A 445 0.66 -2.58 6.69
N GLY A 446 0.97 -1.41 6.12
CA GLY A 446 0.30 -0.90 4.94
C GLY A 446 -1.21 -0.86 5.01
N ALA A 447 -1.76 -0.74 6.22
CA ALA A 447 -3.21 -0.73 6.37
C ALA A 447 -3.84 0.51 5.75
N GLY A 448 -3.10 1.62 5.69
CA GLY A 448 -3.65 2.85 5.15
C GLY A 448 -3.92 2.77 3.66
N GLU A 449 -2.96 2.24 2.90
CA GLU A 449 -3.18 2.04 1.48
C GLU A 449 -4.15 0.90 1.21
N MET A 450 -4.40 0.04 2.20
CA MET A 450 -5.24 -1.13 1.99
C MET A 450 -6.73 -0.79 2.05
N VAL A 451 -7.12 0.11 2.96
CA VAL A 451 -8.55 0.40 3.13
C VAL A 451 -9.13 1.02 1.86
N ASN A 452 -8.31 1.77 1.11
CA ASN A 452 -8.79 2.36 -0.13
C ASN A 452 -9.21 1.31 -1.14
N GLU A 453 -8.73 0.07 -1.00
CA GLU A 453 -9.27 -1.03 -1.77
C GLU A 453 -10.59 -1.49 -1.16
N ALA A 454 -10.63 -1.70 0.16
CA ALA A 454 -11.88 -2.06 0.81
C ALA A 454 -12.94 -0.97 0.63
N ALA A 455 -12.51 0.29 0.52
CA ALA A 455 -13.45 1.36 0.21
C ALA A 455 -14.08 1.14 -1.16
N LEU A 456 -13.25 0.94 -2.18
CA LEU A 456 -13.75 0.69 -3.53
C LEU A 456 -14.69 -0.51 -3.55
N ALA A 457 -14.34 -1.57 -2.81
CA ALA A 457 -15.20 -2.75 -2.77
C ALA A 457 -16.53 -2.43 -2.09
N LEU A 458 -16.49 -1.64 -1.01
CA LEU A 458 -17.73 -1.29 -0.32
C LEU A 458 -18.64 -0.44 -1.21
N GLU A 459 -18.05 0.53 -1.91
CA GLU A 459 -18.85 1.37 -2.80
C GLU A 459 -19.51 0.55 -3.91
N TYR A 460 -18.78 -0.44 -4.44
CA TYR A 460 -19.29 -1.33 -5.48
C TYR A 460 -20.21 -2.40 -4.94
N GLY A 461 -20.56 -2.35 -3.65
CA GLY A 461 -21.49 -3.30 -3.06
C GLY A 461 -21.03 -4.73 -3.20
N ALA A 462 -19.74 -4.98 -2.95
CA ALA A 462 -19.16 -6.28 -3.16
C ALA A 462 -19.49 -7.23 -2.02
N SER A 463 -19.31 -8.53 -2.28
CA SER A 463 -19.37 -9.56 -1.26
C SER A 463 -17.95 -10.02 -0.92
N CYS A 464 -17.86 -10.87 0.10
CA CYS A 464 -16.57 -11.47 0.44
C CYS A 464 -16.05 -12.33 -0.70
N GLU A 465 -16.95 -13.05 -1.37
CA GLU A 465 -16.55 -13.87 -2.49
C GLU A 465 -16.08 -13.01 -3.66
N ASP A 466 -16.73 -11.86 -3.88
CA ASP A 466 -16.36 -11.00 -4.99
C ASP A 466 -14.91 -10.56 -4.91
N ILE A 467 -14.43 -10.23 -3.71
CA ILE A 467 -13.04 -9.86 -3.54
C ILE A 467 -12.13 -11.08 -3.65
N ALA A 468 -12.54 -12.20 -3.06
CA ALA A 468 -11.69 -13.39 -3.06
C ALA A 468 -11.36 -13.87 -4.47
N ARG A 469 -12.28 -13.65 -5.42
CA ARG A 469 -12.09 -14.10 -6.79
C ARG A 469 -11.44 -13.05 -7.69
N VAL A 470 -10.74 -12.08 -7.11
CA VAL A 470 -9.99 -11.07 -7.85
C VAL A 470 -8.52 -11.43 -7.79
N CYS A 471 -7.82 -11.25 -8.91
CA CYS A 471 -6.38 -11.51 -8.94
C CYS A 471 -5.65 -10.55 -8.00
N HIS A 472 -5.03 -11.09 -6.96
CA HIS A 472 -4.21 -10.31 -6.04
C HIS A 472 -2.76 -10.74 -6.18
N ALA A 473 -1.88 -9.76 -6.37
CA ALA A 473 -0.49 -10.04 -6.71
C ALA A 473 0.23 -10.77 -5.57
N HIS A 474 1.41 -11.29 -5.88
CA HIS A 474 2.23 -12.02 -4.94
C HIS A 474 3.68 -11.67 -5.22
N PRO A 475 4.47 -11.33 -4.18
CA PRO A 475 3.97 -11.20 -2.81
C PRO A 475 3.53 -9.79 -2.47
N THR A 476 2.32 -9.66 -1.92
CA THR A 476 1.79 -8.39 -1.46
C THR A 476 1.11 -8.58 -0.12
N LEU A 477 0.88 -7.45 0.55
CA LEU A 477 0.09 -7.45 1.77
C LEU A 477 -1.40 -7.48 1.48
N SER A 478 -1.79 -7.20 0.24
CA SER A 478 -3.20 -7.32 -0.15
C SER A 478 -3.70 -8.76 -0.08
N GLU A 479 -2.80 -9.73 -0.17
CA GLU A 479 -3.23 -11.14 -0.11
C GLU A 479 -3.92 -11.45 1.20
N ALA A 480 -3.54 -10.79 2.29
CA ALA A 480 -4.26 -10.96 3.55
C ALA A 480 -5.70 -10.49 3.41
N PHE A 481 -5.92 -9.38 2.70
CA PHE A 481 -7.27 -8.92 2.44
C PHE A 481 -8.08 -9.96 1.68
N ARG A 482 -7.51 -10.48 0.59
CA ARG A 482 -8.22 -11.46 -0.23
C ARG A 482 -8.49 -12.74 0.57
N GLU A 483 -7.48 -13.23 1.31
CA GLU A 483 -7.64 -14.48 2.03
C GLU A 483 -8.58 -14.35 3.22
N ALA A 484 -8.63 -13.16 3.84
CA ALA A 484 -9.58 -12.95 4.92
C ALA A 484 -11.00 -12.91 4.38
N ASN A 485 -11.21 -12.30 3.23
CA ASN A 485 -12.52 -12.37 2.58
C ASN A 485 -12.85 -13.82 2.22
N LEU A 486 -11.85 -14.57 1.79
CA LEU A 486 -12.07 -15.99 1.48
C LEU A 486 -12.44 -16.76 2.73
N ALA A 487 -11.81 -16.42 3.87
CA ALA A 487 -12.16 -17.07 5.13
C ALA A 487 -13.61 -16.82 5.52
N ALA A 488 -14.23 -15.76 4.99
CA ALA A 488 -15.64 -15.50 5.26
C ALA A 488 -16.53 -16.26 4.29
N SER A 489 -16.30 -16.08 2.98
CA SER A 489 -17.15 -16.71 1.98
C SER A 489 -17.04 -18.23 2.04
N PHE A 490 -15.81 -18.74 1.94
CA PHE A 490 -15.57 -20.18 1.90
C PHE A 490 -15.54 -20.84 3.27
N GLY A 491 -15.34 -20.05 4.34
CA GLY A 491 -15.16 -20.56 5.69
C GLY A 491 -13.72 -20.85 6.04
N LYS A 492 -12.95 -21.33 5.06
CA LYS A 492 -11.55 -21.65 5.24
C LYS A 492 -10.71 -20.87 4.25
N SER A 493 -9.61 -20.29 4.72
CA SER A 493 -8.65 -19.64 3.86
C SER A 493 -7.64 -20.67 3.34
N ILE A 494 -6.87 -20.26 2.34
CA ILE A 494 -5.90 -21.16 1.73
C ILE A 494 -4.66 -21.30 2.62
N ASN A 495 -3.98 -20.18 2.88
CA ASN A 495 -2.72 -20.17 3.60
C ASN A 495 -2.88 -19.98 5.11
N PHE A 496 -4.08 -20.22 5.64
CA PHE A 496 -4.30 -20.19 7.08
C PHE A 496 -5.47 -21.09 7.49
N GLN B 25 3.37 -50.22 -3.21
CA GLN B 25 2.38 -49.41 -2.53
C GLN B 25 1.63 -48.51 -3.51
N PRO B 26 0.38 -48.86 -3.83
CA PRO B 26 -0.45 -47.98 -4.65
C PRO B 26 -1.12 -46.91 -3.80
N ILE B 27 -1.39 -45.79 -4.45
CA ILE B 27 -2.06 -44.65 -3.83
C ILE B 27 -3.30 -44.34 -4.66
N ASP B 28 -4.47 -44.69 -4.13
CA ASP B 28 -5.74 -44.34 -4.74
C ASP B 28 -6.08 -42.89 -4.39
N ALA B 29 -6.22 -42.05 -5.41
CA ALA B 29 -6.44 -40.62 -5.22
C ALA B 29 -7.44 -40.11 -6.25
N ASP B 30 -8.01 -38.94 -5.95
CA ASP B 30 -8.92 -38.25 -6.87
C ASP B 30 -8.14 -37.33 -7.81
N VAL B 31 -7.44 -36.35 -7.24
CA VAL B 31 -6.66 -35.38 -7.99
C VAL B 31 -5.21 -35.46 -7.54
N THR B 32 -4.32 -35.75 -8.48
CA THR B 32 -2.88 -35.80 -8.21
C THR B 32 -2.21 -34.60 -8.86
N VAL B 33 -1.43 -33.86 -8.07
CA VAL B 33 -0.82 -32.61 -8.50
C VAL B 33 0.69 -32.81 -8.53
N ILE B 34 1.28 -32.69 -9.71
CA ILE B 34 2.73 -32.81 -9.86
C ILE B 34 3.32 -31.41 -9.72
N GLY B 35 4.00 -31.16 -8.61
CA GLY B 35 4.67 -29.86 -8.44
C GLY B 35 4.17 -29.11 -7.22
N SER B 36 5.11 -28.63 -6.42
CA SER B 36 4.82 -27.83 -5.23
C SER B 36 5.02 -26.34 -5.47
N GLY B 37 5.11 -25.91 -6.73
CA GLY B 37 5.13 -24.51 -7.05
C GLY B 37 3.83 -23.84 -6.64
N PRO B 38 3.76 -22.51 -6.78
CA PRO B 38 2.53 -21.81 -6.36
C PRO B 38 1.26 -22.35 -6.99
N GLY B 39 1.28 -22.69 -8.28
CA GLY B 39 0.11 -23.27 -8.91
C GLY B 39 -0.27 -24.62 -8.34
N GLY B 40 0.71 -25.42 -7.94
CA GLY B 40 0.46 -26.74 -7.40
C GLY B 40 0.03 -26.77 -5.95
N TYR B 41 0.77 -26.09 -5.06
CA TYR B 41 0.48 -26.21 -3.63
C TYR B 41 -0.85 -25.56 -3.27
N VAL B 42 -1.21 -24.47 -3.96
CA VAL B 42 -2.51 -23.85 -3.72
C VAL B 42 -3.63 -24.77 -4.17
N ALA B 43 -3.53 -25.27 -5.42
CA ALA B 43 -4.57 -26.14 -5.95
C ALA B 43 -4.72 -27.42 -5.14
N ALA B 44 -3.62 -27.92 -4.56
CA ALA B 44 -3.71 -29.08 -3.69
C ALA B 44 -4.55 -28.79 -2.46
N ILE B 45 -4.30 -27.65 -1.81
CA ILE B 45 -5.10 -27.25 -0.65
C ILE B 45 -6.55 -27.03 -1.04
N LYS B 46 -6.77 -26.33 -2.15
CA LYS B 46 -8.13 -26.02 -2.58
C LYS B 46 -8.90 -27.30 -2.91
N ALA B 47 -8.29 -28.19 -3.69
CA ALA B 47 -8.97 -29.44 -4.05
C ALA B 47 -9.26 -30.29 -2.83
N ALA B 48 -8.34 -30.31 -1.86
CA ALA B 48 -8.60 -31.02 -0.62
C ALA B 48 -9.77 -30.41 0.14
N GLN B 49 -9.88 -29.08 0.12
CA GLN B 49 -11.01 -28.42 0.78
C GLN B 49 -12.32 -28.69 0.02
N LEU B 50 -12.23 -28.92 -1.29
CA LEU B 50 -13.41 -29.24 -2.08
C LEU B 50 -13.88 -30.68 -1.93
N GLY B 51 -13.11 -31.52 -1.24
CA GLY B 51 -13.52 -32.89 -0.96
C GLY B 51 -12.71 -33.96 -1.67
N PHE B 52 -11.85 -33.60 -2.60
CA PHE B 52 -11.06 -34.59 -3.32
C PHE B 52 -9.95 -35.15 -2.45
N LYS B 53 -9.57 -36.41 -2.72
CA LYS B 53 -8.38 -37.02 -2.13
C LYS B 53 -7.19 -36.51 -2.93
N THR B 54 -6.65 -35.39 -2.52
CA THR B 54 -5.63 -34.70 -3.29
C THR B 54 -4.23 -35.19 -2.91
N VAL B 55 -3.38 -35.32 -3.92
CA VAL B 55 -2.00 -35.77 -3.76
C VAL B 55 -1.08 -34.79 -4.48
N CYS B 56 0.02 -34.42 -3.84
CA CYS B 56 1.02 -33.54 -4.40
C CYS B 56 2.38 -34.22 -4.41
N ILE B 57 3.14 -33.99 -5.48
CA ILE B 57 4.44 -34.61 -5.67
C ILE B 57 5.48 -33.51 -5.88
N GLU B 58 6.60 -33.61 -5.15
CA GLU B 58 7.69 -32.66 -5.28
C GLU B 58 9.00 -33.42 -5.36
N LYS B 59 9.84 -33.07 -6.35
CA LYS B 59 11.14 -33.72 -6.51
C LYS B 59 12.20 -33.14 -5.59
N ASN B 60 12.02 -31.91 -5.11
CA ASN B 60 13.04 -31.22 -4.34
C ASN B 60 12.92 -31.56 -2.85
N GLU B 61 13.80 -30.96 -2.06
CA GLU B 61 13.80 -31.19 -0.61
C GLU B 61 12.83 -30.24 0.11
N THR B 62 12.64 -29.03 -0.42
CA THR B 62 11.72 -28.06 0.15
C THR B 62 10.55 -27.83 -0.78
N LEU B 63 9.37 -27.61 -0.20
CA LEU B 63 8.20 -27.23 -0.97
C LEU B 63 8.25 -25.74 -1.31
N GLY B 64 7.20 -25.25 -1.96
CA GLY B 64 7.09 -23.86 -2.32
C GLY B 64 7.47 -23.56 -3.76
N GLY B 65 8.31 -24.39 -4.36
CA GLY B 65 8.67 -24.18 -5.75
C GLY B 65 9.74 -23.11 -5.92
N THR B 66 9.76 -22.56 -7.14
CA THR B 66 10.75 -21.55 -7.47
C THR B 66 10.52 -20.27 -6.67
N CYS B 67 9.28 -19.81 -6.60
CA CYS B 67 9.00 -18.52 -5.99
C CYS B 67 9.40 -18.48 -4.52
N LEU B 68 9.18 -19.57 -3.79
CA LEU B 68 9.42 -19.53 -2.35
C LEU B 68 10.89 -19.78 -2.01
N ASN B 69 11.52 -20.76 -2.68
CA ASN B 69 12.88 -21.13 -2.34
C ASN B 69 13.92 -20.32 -3.11
N VAL B 70 13.72 -20.09 -4.40
CA VAL B 70 14.73 -19.44 -5.23
C VAL B 70 14.07 -18.42 -6.16
N GLY B 71 13.09 -17.68 -5.65
CA GLY B 71 12.36 -16.79 -6.54
C GLY B 71 11.91 -15.48 -5.93
N CYS B 72 10.59 -15.28 -5.86
CA CYS B 72 10.05 -14.01 -5.39
C CYS B 72 10.47 -13.74 -3.95
N ILE B 73 10.23 -14.70 -3.05
CA ILE B 73 10.47 -14.46 -1.63
C ILE B 73 11.93 -14.07 -1.36
N PRO B 74 12.94 -14.82 -1.83
CA PRO B 74 14.31 -14.39 -1.52
C PRO B 74 14.70 -13.08 -2.20
N SER B 75 14.27 -12.87 -3.44
CA SER B 75 14.58 -11.62 -4.13
C SER B 75 13.96 -10.42 -3.42
N LYS B 76 12.73 -10.57 -2.94
CA LYS B 76 12.05 -9.45 -2.30
C LYS B 76 12.67 -9.14 -0.94
N ALA B 77 13.07 -10.17 -0.21
CA ALA B 77 13.66 -9.96 1.12
C ALA B 77 14.94 -9.13 1.01
N LEU B 78 15.81 -9.48 0.06
CA LEU B 78 17.04 -8.73 -0.12
C LEU B 78 16.77 -7.32 -0.62
N LEU B 79 15.77 -7.15 -1.49
CA LEU B 79 15.41 -5.82 -1.95
C LEU B 79 15.01 -4.92 -0.78
N ASN B 80 14.25 -5.48 0.17
CA ASN B 80 13.84 -4.68 1.33
C ASN B 80 15.04 -4.27 2.16
N ASN B 81 15.87 -5.23 2.53
CA ASN B 81 17.02 -4.95 3.39
C ASN B 81 18.04 -4.07 2.68
N SER B 82 18.25 -4.29 1.37
CA SER B 82 19.22 -3.51 0.63
C SER B 82 18.79 -2.06 0.51
N HIS B 83 17.51 -1.81 0.26
CA HIS B 83 17.02 -0.44 0.24
C HIS B 83 17.20 0.23 1.59
N TYR B 84 16.92 -0.50 2.68
CA TYR B 84 17.16 0.04 4.01
C TYR B 84 18.61 0.42 4.20
N TYR B 85 19.53 -0.38 3.66
CA TYR B 85 20.95 -0.07 3.79
C TYR B 85 21.30 1.20 3.01
N HIS B 86 20.88 1.26 1.74
CA HIS B 86 21.21 2.43 0.92
C HIS B 86 20.69 3.72 1.52
N MET B 87 19.56 3.68 2.24
CA MET B 87 19.09 4.87 2.93
C MET B 87 20.06 5.30 4.02
N ALA B 88 20.58 4.34 4.78
CA ALA B 88 21.49 4.69 5.88
C ALA B 88 22.87 5.08 5.36
N HIS B 89 23.42 4.29 4.44
CA HIS B 89 24.70 4.61 3.83
C HIS B 89 24.63 5.83 2.92
N GLY B 90 23.49 6.50 2.83
CA GLY B 90 23.37 7.74 2.09
C GLY B 90 22.87 8.88 2.95
N LYS B 91 21.94 9.66 2.39
CA LYS B 91 21.49 10.90 3.02
C LYS B 91 20.05 10.83 3.50
N ASP B 92 19.32 9.77 3.14
CA ASP B 92 17.90 9.70 3.46
C ASP B 92 17.65 9.81 4.96
N PHE B 93 18.31 8.97 5.75
CA PHE B 93 18.05 8.96 7.19
C PHE B 93 18.50 10.27 7.84
N ALA B 94 19.70 10.75 7.49
CA ALA B 94 20.19 12.00 8.05
C ALA B 94 19.44 13.20 7.52
N SER B 95 18.78 13.09 6.36
CA SER B 95 17.91 14.17 5.90
C SER B 95 16.78 14.40 6.89
N ARG B 96 16.31 13.35 7.54
CA ARG B 96 15.28 13.43 8.55
C ARG B 96 15.84 13.55 9.96
N GLY B 97 17.13 13.81 10.10
CA GLY B 97 17.74 13.94 11.41
C GLY B 97 18.15 12.64 12.07
N ILE B 98 18.11 11.52 11.35
CA ILE B 98 18.55 10.23 11.89
C ILE B 98 20.02 10.11 11.54
N GLU B 99 20.88 10.50 12.47
CA GLU B 99 22.31 10.64 12.22
C GLU B 99 23.05 9.45 12.84
N MET B 100 23.62 8.61 12.00
CA MET B 100 24.48 7.52 12.42
C MET B 100 25.93 7.88 12.12
N SER B 101 26.85 7.25 12.86
CA SER B 101 28.26 7.58 12.72
C SER B 101 28.90 6.77 11.59
N GLU B 102 28.87 5.44 11.71
CA GLU B 102 29.54 4.56 10.75
C GLU B 102 28.61 3.43 10.39
N VAL B 103 28.33 3.26 9.09
CA VAL B 103 27.40 2.26 8.60
C VAL B 103 28.22 1.12 7.99
N ARG B 104 28.03 -0.08 8.50
CA ARG B 104 28.68 -1.28 8.00
C ARG B 104 27.64 -2.27 7.50
N LEU B 105 28.11 -3.25 6.73
CA LEU B 105 27.25 -4.27 6.13
C LEU B 105 27.73 -5.65 6.57
N ASN B 106 26.91 -6.36 7.32
CA ASN B 106 27.13 -7.77 7.62
C ASN B 106 26.25 -8.57 6.67
N LEU B 107 26.77 -8.84 5.48
CA LEU B 107 26.02 -9.56 4.45
C LEU B 107 25.59 -10.93 4.93
N ASP B 108 26.36 -11.55 5.82
CA ASP B 108 26.00 -12.84 6.38
C ASP B 108 25.01 -12.70 7.53
N LYS B 109 24.24 -11.61 7.52
CA LYS B 109 23.10 -11.45 8.41
C LYS B 109 21.89 -11.05 7.58
N MET B 110 22.16 -10.31 6.50
CA MET B 110 21.12 -9.98 5.53
C MET B 110 20.65 -11.24 4.81
N MET B 111 21.59 -12.05 4.33
CA MET B 111 21.25 -13.33 3.71
C MET B 111 20.54 -14.27 4.67
N GLU B 112 20.73 -14.06 5.97
CA GLU B 112 20.06 -14.90 6.97
C GLU B 112 18.58 -14.55 7.07
N GLN B 113 18.26 -13.25 7.11
CA GLN B 113 16.86 -12.84 7.07
C GLN B 113 16.18 -13.37 5.82
N LYS B 114 16.90 -13.37 4.70
CA LYS B 114 16.41 -14.00 3.48
C LYS B 114 16.11 -15.48 3.71
N SER B 115 17.07 -16.21 4.30
CA SER B 115 16.90 -17.64 4.50
C SER B 115 15.86 -17.95 5.57
N THR B 116 15.87 -17.18 6.66
CA THR B 116 14.90 -17.42 7.74
C THR B 116 13.48 -17.30 7.23
N ALA B 117 13.21 -16.31 6.38
CA ALA B 117 11.85 -16.13 5.86
C ALA B 117 11.48 -17.28 4.93
N VAL B 118 12.39 -17.67 4.04
CA VAL B 118 12.12 -18.78 3.12
C VAL B 118 11.84 -20.05 3.89
N LYS B 119 12.61 -20.32 4.94
CA LYS B 119 12.40 -21.52 5.74
C LYS B 119 11.04 -21.47 6.44
N ALA B 120 10.72 -20.33 7.06
CA ALA B 120 9.43 -20.21 7.74
C ALA B 120 8.26 -20.36 6.77
N LEU B 121 8.35 -19.74 5.59
CA LEU B 121 7.28 -19.88 4.61
C LEU B 121 7.20 -21.29 4.04
N THR B 122 8.34 -21.98 3.94
CA THR B 122 8.31 -23.38 3.50
C THR B 122 7.54 -24.24 4.51
N GLY B 123 7.90 -24.14 5.79
CA GLY B 123 7.20 -24.85 6.84
C GLY B 123 5.72 -24.52 6.93
N GLY B 124 5.33 -23.33 6.48
CA GLY B 124 3.90 -23.00 6.43
C GLY B 124 3.13 -23.93 5.51
N ILE B 125 3.64 -24.09 4.27
CA ILE B 125 3.00 -25.00 3.32
C ILE B 125 2.92 -26.41 3.88
N ALA B 126 3.92 -26.82 4.67
CA ALA B 126 3.88 -28.15 5.28
C ALA B 126 2.70 -28.28 6.23
N HIS B 127 2.55 -27.32 7.14
CA HIS B 127 1.43 -27.36 8.08
C HIS B 127 0.09 -27.33 7.36
N LEU B 128 -0.01 -26.52 6.30
CA LEU B 128 -1.26 -26.45 5.55
C LEU B 128 -1.55 -27.76 4.84
N PHE B 129 -0.53 -28.34 4.19
CA PHE B 129 -0.69 -29.64 3.55
C PHE B 129 -1.18 -30.69 4.54
N LYS B 130 -0.60 -30.70 5.74
CA LYS B 130 -1.07 -31.63 6.77
C LYS B 130 -2.44 -31.25 7.28
N GLN B 131 -2.73 -29.95 7.37
CA GLN B 131 -4.01 -29.50 7.90
C GLN B 131 -5.16 -29.96 7.02
N ASN B 132 -5.09 -29.64 5.72
CA ASN B 132 -6.12 -30.02 4.77
C ASN B 132 -5.95 -31.45 4.27
N LYS B 133 -5.06 -32.23 4.87
CA LYS B 133 -4.89 -33.66 4.58
C LYS B 133 -4.52 -33.90 3.11
N VAL B 134 -3.47 -33.22 2.66
CA VAL B 134 -2.87 -33.47 1.36
C VAL B 134 -1.69 -34.39 1.54
N VAL B 135 -1.50 -35.31 0.60
CA VAL B 135 -0.45 -36.31 0.68
C VAL B 135 0.79 -35.77 -0.04
N HIS B 136 1.85 -35.50 0.73
CA HIS B 136 3.11 -35.04 0.16
C HIS B 136 4.00 -36.24 -0.14
N VAL B 137 4.24 -36.46 -1.43
CA VAL B 137 5.16 -37.51 -1.89
C VAL B 137 6.38 -36.83 -2.47
N ASN B 138 7.55 -37.16 -1.93
CA ASN B 138 8.81 -36.50 -2.30
C ASN B 138 9.54 -37.39 -3.29
N GLY B 139 9.23 -37.24 -4.57
CA GLY B 139 9.89 -37.97 -5.62
C GLY B 139 9.73 -37.26 -6.95
N TYR B 140 10.44 -37.75 -7.95
CA TYR B 140 10.38 -37.21 -9.31
C TYR B 140 9.21 -37.86 -10.04
N GLY B 141 8.18 -37.08 -10.32
CA GLY B 141 6.97 -37.63 -10.91
C GLY B 141 7.06 -37.77 -12.42
N LYS B 142 6.47 -38.85 -12.93
CA LYS B 142 6.35 -39.12 -14.35
C LYS B 142 5.01 -39.82 -14.57
N ILE B 143 4.33 -39.47 -15.65
CA ILE B 143 2.98 -39.94 -15.91
C ILE B 143 3.09 -41.28 -16.65
N THR B 144 2.99 -42.37 -15.89
CA THR B 144 3.07 -43.70 -16.50
C THR B 144 1.82 -44.03 -17.30
N GLY B 145 0.67 -43.47 -16.93
CA GLY B 145 -0.55 -43.75 -17.64
C GLY B 145 -1.57 -42.63 -17.53
N LYS B 146 -2.62 -42.75 -18.34
CA LYS B 146 -3.71 -41.79 -18.32
C LYS B 146 -4.29 -41.61 -16.92
N ASN B 147 -4.29 -42.66 -16.12
CA ASN B 147 -4.78 -42.62 -14.74
C ASN B 147 -3.74 -43.22 -13.79
N GLN B 148 -2.47 -42.88 -14.01
CA GLN B 148 -1.40 -43.46 -13.20
C GLN B 148 -0.19 -42.55 -13.24
N VAL B 149 0.31 -42.18 -12.05
CA VAL B 149 1.52 -41.39 -11.91
C VAL B 149 2.45 -42.15 -10.97
N THR B 150 3.73 -42.22 -11.36
CA THR B 150 4.74 -42.93 -10.60
C THR B 150 5.90 -41.98 -10.32
N ALA B 151 6.28 -41.86 -9.05
CA ALA B 151 7.31 -40.95 -8.61
C ALA B 151 8.53 -41.75 -8.14
N THR B 152 9.70 -41.43 -8.70
CA THR B 152 10.94 -42.10 -8.36
C THR B 152 11.77 -41.18 -7.47
N LYS B 153 11.84 -41.50 -6.19
CA LYS B 153 12.82 -40.86 -5.32
C LYS B 153 14.23 -41.25 -5.75
N ALA B 154 15.22 -40.49 -5.28
CA ALA B 154 16.62 -40.85 -5.53
C ALA B 154 16.89 -42.29 -5.14
N ASP B 155 16.36 -42.71 -3.99
CA ASP B 155 16.28 -44.11 -3.61
C ASP B 155 15.05 -44.28 -2.74
N GLY B 156 14.17 -45.19 -3.14
CA GLY B 156 12.95 -45.38 -2.39
C GLY B 156 12.01 -46.32 -3.11
N GLY B 157 10.74 -46.25 -2.72
CA GLY B 157 9.78 -47.26 -3.12
C GLY B 157 9.17 -47.09 -4.49
N THR B 158 9.47 -45.99 -5.17
CA THR B 158 8.92 -45.67 -6.49
C THR B 158 7.39 -45.81 -6.48
N GLN B 159 6.77 -44.87 -5.77
CA GLN B 159 5.35 -44.96 -5.47
C GLN B 159 4.49 -44.83 -6.73
N VAL B 160 3.40 -45.59 -6.77
CA VAL B 160 2.42 -45.52 -7.85
C VAL B 160 1.17 -44.85 -7.30
N ILE B 161 0.68 -43.84 -8.01
CA ILE B 161 -0.51 -43.09 -7.62
C ILE B 161 -1.54 -43.27 -8.73
N ASP B 162 -2.51 -44.16 -8.50
CA ASP B 162 -3.62 -44.35 -9.43
C ASP B 162 -4.66 -43.28 -9.14
N THR B 163 -4.80 -42.31 -10.04
CA THR B 163 -5.61 -41.12 -9.81
C THR B 163 -6.59 -40.92 -10.95
N LYS B 164 -7.66 -40.18 -10.66
CA LYS B 164 -8.63 -39.82 -11.68
C LYS B 164 -8.11 -38.70 -12.57
N ASN B 165 -7.66 -37.60 -11.96
CA ASN B 165 -7.16 -36.45 -12.70
C ASN B 165 -5.71 -36.15 -12.30
N ILE B 166 -5.01 -35.49 -13.22
CA ILE B 166 -3.59 -35.19 -13.08
C ILE B 166 -3.38 -33.71 -13.42
N LEU B 167 -2.72 -32.98 -12.52
CA LEU B 167 -2.44 -31.57 -12.73
C LEU B 167 -0.95 -31.39 -12.92
N ILE B 168 -0.57 -30.80 -14.06
CA ILE B 168 0.83 -30.58 -14.40
C ILE B 168 1.21 -29.19 -13.91
N ALA B 169 1.83 -29.12 -12.74
CA ALA B 169 2.38 -27.88 -12.21
C ALA B 169 3.91 -27.94 -12.22
N THR B 170 4.47 -28.47 -13.31
CA THR B 170 5.90 -28.76 -13.37
C THR B 170 6.74 -27.49 -13.49
N GLY B 171 6.14 -26.37 -13.88
CA GLY B 171 6.77 -25.08 -13.73
C GLY B 171 7.76 -24.66 -14.80
N SER B 172 8.85 -24.03 -14.38
CA SER B 172 9.80 -23.41 -15.29
C SER B 172 11.21 -23.60 -14.78
N GLU B 173 12.18 -23.18 -15.59
CA GLU B 173 13.60 -23.26 -15.27
C GLU B 173 14.31 -22.10 -15.94
N VAL B 174 15.58 -21.92 -15.55
CA VAL B 174 16.38 -20.82 -16.09
C VAL B 174 16.64 -21.07 -17.57
N THR B 175 16.15 -20.17 -18.41
CA THR B 175 16.49 -20.20 -19.82
C THR B 175 17.99 -19.95 -19.98
N PRO B 176 18.73 -20.86 -20.60
CA PRO B 176 20.19 -20.72 -20.67
C PRO B 176 20.61 -19.80 -21.81
N PHE B 177 21.86 -19.36 -21.72
CA PHE B 177 22.45 -18.55 -22.78
C PHE B 177 23.33 -19.42 -23.67
N PRO B 178 23.08 -19.47 -24.98
CA PRO B 178 23.93 -20.26 -25.87
C PRO B 178 25.31 -19.62 -26.01
N GLY B 179 26.34 -20.38 -25.66
CA GLY B 179 27.70 -19.88 -25.61
C GLY B 179 28.16 -19.49 -24.23
N ILE B 180 27.28 -19.52 -23.24
CA ILE B 180 27.62 -19.19 -21.86
C ILE B 180 27.13 -20.32 -20.97
N THR B 181 28.07 -20.97 -20.29
CA THR B 181 27.71 -22.02 -19.34
C THR B 181 27.60 -21.40 -17.94
N ILE B 182 26.49 -21.67 -17.28
CA ILE B 182 26.26 -21.11 -15.94
C ILE B 182 27.09 -21.89 -14.93
N ASP B 183 28.00 -21.18 -14.25
CA ASP B 183 28.81 -21.80 -13.22
C ASP B 183 28.12 -21.79 -11.86
N GLU B 184 27.16 -20.89 -11.63
CA GLU B 184 26.50 -20.61 -10.35
C GLU B 184 27.46 -20.12 -9.27
N ASP B 185 28.75 -19.97 -9.58
CA ASP B 185 29.73 -19.37 -8.68
C ASP B 185 30.12 -17.98 -9.17
N THR B 186 30.66 -17.90 -10.38
CA THR B 186 30.92 -16.62 -11.05
C THR B 186 29.95 -16.34 -12.19
N ILE B 187 29.59 -17.37 -12.96
CA ILE B 187 28.52 -17.23 -13.96
C ILE B 187 27.25 -17.69 -13.26
N VAL B 188 26.54 -16.76 -12.66
CA VAL B 188 25.38 -17.06 -11.85
C VAL B 188 24.11 -16.75 -12.63
N SER B 189 23.00 -17.32 -12.14
CA SER B 189 21.69 -17.02 -12.69
C SER B 189 20.82 -16.44 -11.58
N SER B 190 19.49 -16.57 -11.70
CA SER B 190 18.60 -16.15 -10.62
C SER B 190 19.00 -16.78 -9.29
N THR B 191 19.42 -18.04 -9.32
CA THR B 191 19.78 -18.74 -8.09
C THR B 191 21.06 -18.17 -7.49
N GLY B 192 22.15 -18.26 -8.23
CA GLY B 192 23.46 -17.95 -7.66
C GLY B 192 23.57 -16.50 -7.21
N ALA B 193 22.97 -15.58 -7.97
CA ALA B 193 23.02 -14.18 -7.61
C ALA B 193 22.31 -13.91 -6.28
N LEU B 194 21.32 -14.75 -5.92
CA LEU B 194 20.58 -14.57 -4.68
C LEU B 194 21.33 -15.09 -3.45
N SER B 195 22.45 -15.78 -3.64
CA SER B 195 23.17 -16.38 -2.53
C SER B 195 24.66 -16.10 -2.61
N LEU B 196 25.05 -14.93 -3.13
CA LEU B 196 26.45 -14.57 -3.22
C LEU B 196 27.01 -14.30 -1.82
N LYS B 197 28.28 -14.65 -1.63
CA LYS B 197 28.89 -14.53 -0.31
C LYS B 197 29.39 -13.12 -0.05
N LYS B 198 30.04 -12.51 -1.04
CA LYS B 198 30.51 -11.13 -0.92
C LYS B 198 29.89 -10.29 -2.03
N VAL B 199 30.02 -8.98 -1.89
CA VAL B 199 29.51 -8.03 -2.89
C VAL B 199 30.54 -7.93 -4.01
N PRO B 200 30.17 -8.24 -5.25
CA PRO B 200 31.12 -8.05 -6.36
C PRO B 200 31.47 -6.58 -6.54
N GLU B 201 32.76 -6.32 -6.74
CA GLU B 201 33.17 -4.96 -7.07
C GLU B 201 32.51 -4.47 -8.34
N LYS B 202 32.33 -5.37 -9.30
CA LYS B 202 31.64 -5.05 -10.55
C LYS B 202 30.86 -6.28 -11.00
N MET B 203 29.57 -6.08 -11.28
CA MET B 203 28.68 -7.15 -11.69
C MET B 203 28.03 -6.76 -13.01
N VAL B 204 27.83 -7.74 -13.87
CA VAL B 204 27.19 -7.54 -15.17
C VAL B 204 26.00 -8.48 -15.27
N VAL B 205 24.85 -7.94 -15.65
CA VAL B 205 23.60 -8.68 -15.73
C VAL B 205 23.16 -8.76 -17.19
N ILE B 206 22.91 -9.96 -17.66
CA ILE B 206 22.37 -10.18 -19.00
C ILE B 206 20.86 -10.32 -18.87
N GLY B 207 20.12 -9.37 -19.46
CA GLY B 207 18.68 -9.37 -19.35
C GLY B 207 18.16 -8.28 -18.44
N ALA B 208 17.72 -7.17 -19.02
CA ALA B 208 17.20 -6.04 -18.27
C ALA B 208 15.70 -6.15 -18.00
N GLY B 209 15.21 -7.36 -17.75
CA GLY B 209 13.81 -7.57 -17.41
C GLY B 209 13.55 -7.33 -15.94
N VAL B 210 12.43 -7.88 -15.46
CA VAL B 210 12.04 -7.71 -14.07
C VAL B 210 13.09 -8.31 -13.15
N ILE B 211 13.37 -9.61 -13.32
CA ILE B 211 14.34 -10.31 -12.47
C ILE B 211 15.71 -9.62 -12.54
N GLY B 212 16.12 -9.21 -13.74
CA GLY B 212 17.37 -8.49 -13.90
C GLY B 212 17.42 -7.18 -13.16
N VAL B 213 16.47 -6.29 -13.44
CA VAL B 213 16.43 -4.98 -12.79
C VAL B 213 16.37 -5.14 -11.27
N GLU B 214 15.57 -6.08 -10.78
CA GLU B 214 15.44 -6.27 -9.34
C GLU B 214 16.78 -6.62 -8.70
N LEU B 215 17.34 -7.77 -9.09
CA LEU B 215 18.57 -8.23 -8.45
C LEU B 215 19.74 -7.30 -8.75
N GLY B 216 19.74 -6.65 -9.91
CA GLY B 216 20.78 -5.67 -10.20
C GLY B 216 20.77 -4.50 -9.23
N SER B 217 19.59 -4.03 -8.86
CA SER B 217 19.51 -2.94 -7.91
C SER B 217 19.90 -3.39 -6.50
N VAL B 218 19.75 -4.69 -6.20
CA VAL B 218 20.11 -5.19 -4.88
C VAL B 218 21.60 -4.99 -4.63
N TRP B 219 22.43 -5.53 -5.53
CA TRP B 219 23.88 -5.45 -5.33
C TRP B 219 24.44 -4.08 -5.65
N GLN B 220 23.76 -3.29 -6.50
CA GLN B 220 24.18 -1.92 -6.72
C GLN B 220 24.03 -1.11 -5.44
N ARG B 221 22.89 -1.26 -4.75
CA ARG B 221 22.73 -0.63 -3.44
C ARG B 221 23.79 -1.11 -2.46
N LEU B 222 24.15 -2.39 -2.53
CA LEU B 222 25.18 -2.95 -1.66
C LEU B 222 26.59 -2.62 -2.15
N GLY B 223 26.73 -1.87 -3.23
CA GLY B 223 28.04 -1.40 -3.67
C GLY B 223 28.65 -2.21 -4.79
N ALA B 224 28.22 -1.97 -6.03
CA ALA B 224 28.74 -2.71 -7.17
C ALA B 224 28.55 -1.89 -8.44
N ASP B 225 29.52 -2.00 -9.34
CA ASP B 225 29.43 -1.41 -10.67
C ASP B 225 28.57 -2.32 -11.53
N VAL B 226 27.26 -2.14 -11.45
CA VAL B 226 26.30 -3.01 -12.11
C VAL B 226 25.91 -2.39 -13.45
N THR B 227 26.16 -3.12 -14.52
CA THR B 227 25.70 -2.75 -15.86
C THR B 227 24.80 -3.85 -16.39
N ALA B 228 23.68 -3.46 -16.97
CA ALA B 228 22.71 -4.39 -17.54
C ALA B 228 22.72 -4.27 -19.05
N VAL B 229 22.95 -5.39 -19.72
CA VAL B 229 23.03 -5.44 -21.18
C VAL B 229 21.75 -6.06 -21.71
N GLU B 230 21.12 -5.40 -22.68
CA GLU B 230 19.84 -5.85 -23.22
C GLU B 230 19.82 -5.64 -24.72
N PHE B 231 19.39 -6.67 -25.44
CA PHE B 231 19.13 -6.54 -26.87
C PHE B 231 18.00 -5.55 -27.13
N LEU B 232 16.93 -5.65 -26.36
CA LEU B 232 15.80 -4.74 -26.49
C LEU B 232 16.17 -3.36 -25.96
N GLY B 233 15.42 -2.36 -26.39
CA GLY B 233 15.70 -0.99 -26.00
C GLY B 233 14.87 -0.49 -24.83
N HIS B 234 14.46 -1.40 -23.95
CA HIS B 234 13.61 -1.06 -22.83
C HIS B 234 13.93 -1.97 -21.65
N VAL B 235 13.77 -1.43 -20.45
CA VAL B 235 13.95 -2.20 -19.23
C VAL B 235 12.58 -2.64 -18.74
N GLY B 236 12.56 -3.58 -17.80
CA GLY B 236 11.33 -4.10 -17.25
C GLY B 236 10.70 -5.23 -18.02
N GLY B 237 11.26 -5.61 -19.17
CA GLY B 237 10.76 -6.74 -19.92
C GLY B 237 9.61 -6.39 -20.84
N VAL B 238 8.91 -7.42 -21.28
CA VAL B 238 7.81 -7.26 -22.23
C VAL B 238 6.55 -6.88 -21.45
N GLY B 239 5.85 -5.85 -21.94
CA GLY B 239 4.59 -5.41 -21.38
C GLY B 239 4.64 -4.03 -20.76
N ILE B 240 5.80 -3.61 -20.25
CA ILE B 240 5.91 -2.33 -19.57
C ILE B 240 5.66 -1.19 -20.55
N ASP B 241 5.09 -0.11 -20.04
CA ASP B 241 4.84 1.07 -20.86
C ASP B 241 6.17 1.76 -21.19
N MET B 242 6.24 2.32 -22.39
CA MET B 242 7.47 2.97 -22.84
C MET B 242 7.83 4.15 -21.93
N GLU B 243 6.87 5.05 -21.71
CA GLU B 243 7.14 6.21 -20.87
C GLU B 243 7.52 5.78 -19.45
N ILE B 244 6.86 4.76 -18.92
CA ILE B 244 7.16 4.28 -17.57
C ILE B 244 8.55 3.66 -17.52
N SER B 245 8.83 2.74 -18.45
CA SER B 245 10.15 2.11 -18.49
C SER B 245 11.26 3.16 -18.70
N LYS B 246 11.00 4.14 -19.55
CA LYS B 246 11.99 5.20 -19.78
C LYS B 246 12.20 6.04 -18.53
N ASN B 247 11.10 6.40 -17.84
CA ASN B 247 11.22 7.19 -16.61
C ASN B 247 11.84 6.36 -15.49
N PHE B 248 11.45 5.09 -15.39
CA PHE B 248 12.12 4.16 -14.48
C PHE B 248 13.62 4.14 -14.74
N GLN B 249 14.01 4.12 -16.02
CA GLN B 249 15.42 4.06 -16.37
C GLN B 249 16.16 5.31 -15.90
N ARG B 250 15.59 6.49 -16.15
CA ARG B 250 16.20 7.73 -15.71
C ARG B 250 16.50 7.71 -14.22
N ILE B 251 15.54 7.26 -13.41
CA ILE B 251 15.72 7.23 -11.96
C ILE B 251 16.77 6.20 -11.58
N LEU B 252 16.70 5.00 -12.19
CA LEU B 252 17.70 3.98 -11.92
C LEU B 252 19.10 4.45 -12.28
N GLN B 253 19.22 5.24 -13.35
CA GLN B 253 20.53 5.73 -13.77
C GLN B 253 21.07 6.80 -12.81
N LYS B 254 20.19 7.52 -12.13
CA LYS B 254 20.65 8.43 -11.08
C LYS B 254 20.98 7.71 -9.78
N GLN B 255 20.60 6.44 -9.66
CA GLN B 255 20.89 5.65 -8.48
C GLN B 255 22.13 4.76 -8.64
N GLY B 256 22.83 4.88 -9.77
CA GLY B 256 24.07 4.16 -10.01
C GLY B 256 23.96 3.00 -10.98
N PHE B 257 22.75 2.68 -11.43
CA PHE B 257 22.55 1.60 -12.39
C PHE B 257 23.02 2.02 -13.77
N LYS B 258 23.75 1.12 -14.45
CA LYS B 258 24.24 1.32 -15.79
C LYS B 258 23.52 0.38 -16.76
N PHE B 259 23.16 0.91 -17.92
CA PHE B 259 22.33 0.17 -18.87
C PHE B 259 22.95 0.23 -20.26
N LYS B 260 23.23 -0.94 -20.82
CA LYS B 260 23.71 -1.07 -22.19
C LYS B 260 22.59 -1.69 -23.02
N LEU B 261 21.52 -0.93 -23.22
CA LEU B 261 20.41 -1.39 -24.04
C LEU B 261 20.81 -1.39 -25.51
N ASN B 262 20.03 -2.14 -26.30
CA ASN B 262 20.30 -2.31 -27.72
C ASN B 262 21.72 -2.82 -27.96
N THR B 263 22.09 -3.85 -27.19
CA THR B 263 23.42 -4.42 -27.25
C THR B 263 23.33 -5.93 -27.10
N LYS B 264 23.95 -6.63 -28.04
CA LYS B 264 23.94 -8.09 -28.04
C LYS B 264 25.20 -8.61 -27.35
N VAL B 265 25.09 -9.79 -26.75
CA VAL B 265 26.21 -10.46 -26.11
C VAL B 265 26.71 -11.55 -27.05
N THR B 266 28.04 -11.60 -27.26
CA THR B 266 28.65 -12.55 -28.18
C THR B 266 29.59 -13.56 -27.53
N GLY B 267 29.90 -13.41 -26.24
CA GLY B 267 30.78 -14.37 -25.60
C GLY B 267 31.03 -13.99 -24.16
N ALA B 268 31.55 -14.96 -23.41
CA ALA B 268 31.91 -14.75 -22.02
C ALA B 268 33.01 -15.74 -21.64
N THR B 269 34.13 -15.22 -21.14
CA THR B 269 35.33 -15.99 -20.85
C THR B 269 35.69 -15.90 -19.38
N LYS B 270 35.99 -17.06 -18.78
CA LYS B 270 36.48 -17.13 -17.41
C LYS B 270 38.00 -17.14 -17.44
N LYS B 271 38.61 -16.06 -16.96
CA LYS B 271 40.05 -15.93 -16.99
C LYS B 271 40.69 -16.60 -15.76
N SER B 272 42.00 -16.76 -15.80
CA SER B 272 42.70 -17.37 -14.67
C SER B 272 42.63 -16.48 -13.43
N ASP B 273 42.42 -15.16 -13.62
CA ASP B 273 42.22 -14.28 -12.48
C ASP B 273 40.89 -14.55 -11.78
N GLY B 274 40.00 -15.32 -12.41
CA GLY B 274 38.66 -15.51 -11.91
C GLY B 274 37.65 -14.50 -12.43
N LYS B 275 38.11 -13.46 -13.12
CA LYS B 275 37.23 -12.48 -13.72
C LYS B 275 36.59 -13.04 -15.00
N ILE B 276 35.58 -12.33 -15.48
CA ILE B 276 34.83 -12.73 -16.67
C ILE B 276 34.85 -11.57 -17.66
N ASP B 277 35.34 -11.84 -18.87
CA ASP B 277 35.22 -10.90 -19.98
C ASP B 277 33.94 -11.18 -20.73
N VAL B 278 33.14 -10.14 -20.96
CA VAL B 278 31.89 -10.26 -21.69
C VAL B 278 32.08 -9.57 -23.04
N SER B 279 31.81 -10.32 -24.12
CA SER B 279 31.93 -9.81 -25.48
C SER B 279 30.57 -9.27 -25.90
N ILE B 280 30.44 -7.95 -25.94
CA ILE B 280 29.19 -7.30 -26.31
C ILE B 280 29.35 -6.65 -27.68
N GLU B 281 28.24 -6.60 -28.41
CA GLU B 281 28.19 -5.98 -29.73
C GLU B 281 26.85 -5.27 -29.87
N ALA B 282 26.89 -4.08 -30.47
CA ALA B 282 25.66 -3.42 -30.88
C ALA B 282 24.91 -4.32 -31.84
N ALA B 283 23.63 -4.57 -31.54
CA ALA B 283 22.85 -5.51 -32.34
C ALA B 283 22.90 -5.17 -33.82
N SER B 284 22.82 -3.89 -34.16
CA SER B 284 22.91 -3.48 -35.56
C SER B 284 24.29 -3.76 -36.13
N GLY B 285 25.33 -3.59 -35.33
CA GLY B 285 26.70 -3.77 -35.77
C GLY B 285 27.57 -2.67 -35.21
N GLY B 286 28.87 -2.96 -35.14
CA GLY B 286 29.76 -1.99 -34.54
C GLY B 286 29.64 -2.00 -33.02
N LYS B 287 30.23 -0.97 -32.43
CA LYS B 287 30.27 -0.77 -30.98
C LYS B 287 30.58 -2.07 -30.24
N ALA B 288 31.58 -2.78 -30.75
CA ALA B 288 32.04 -4.01 -30.11
C ALA B 288 32.96 -3.64 -28.95
N GLU B 289 32.57 -4.04 -27.74
CA GLU B 289 33.31 -3.70 -26.53
C GLU B 289 33.50 -4.95 -25.68
N VAL B 290 34.52 -4.92 -24.84
CA VAL B 290 34.79 -5.97 -23.88
C VAL B 290 34.52 -5.43 -22.49
N ILE B 291 33.83 -6.22 -21.67
CA ILE B 291 33.46 -5.83 -20.32
C ILE B 291 33.95 -6.90 -19.36
N THR B 292 34.87 -6.52 -18.47
CA THR B 292 35.32 -7.40 -17.41
C THR B 292 34.49 -7.16 -16.15
N CYS B 293 34.18 -8.23 -15.44
CA CYS B 293 33.33 -8.15 -14.26
C CYS B 293 33.68 -9.29 -13.32
N ASP B 294 33.30 -9.12 -12.06
CA ASP B 294 33.56 -10.14 -11.05
C ASP B 294 32.53 -11.26 -11.12
N VAL B 295 31.26 -10.92 -11.36
CA VAL B 295 30.18 -11.90 -11.41
C VAL B 295 29.28 -11.57 -12.59
N LEU B 296 28.86 -12.63 -13.30
CA LEU B 296 27.97 -12.51 -14.45
C LEU B 296 26.62 -13.11 -14.11
N LEU B 297 25.58 -12.28 -14.11
CA LEU B 297 24.21 -12.71 -13.91
C LEU B 297 23.55 -12.93 -15.27
N VAL B 298 23.12 -14.16 -15.53
CA VAL B 298 22.46 -14.51 -16.78
C VAL B 298 20.99 -14.80 -16.43
N CYS B 299 20.12 -13.85 -16.76
CA CYS B 299 18.70 -13.96 -16.51
C CYS B 299 17.93 -13.43 -17.71
N ILE B 300 18.28 -13.92 -18.89
CA ILE B 300 17.61 -13.48 -20.12
C ILE B 300 16.14 -13.87 -20.13
N GLY B 301 15.74 -14.84 -19.31
CA GLY B 301 14.36 -15.27 -19.28
C GLY B 301 14.26 -16.63 -18.63
N ARG B 302 13.06 -17.21 -18.74
CA ARG B 302 12.79 -18.55 -18.25
C ARG B 302 11.86 -19.27 -19.20
N ARG B 303 11.91 -20.59 -19.16
CA ARG B 303 11.18 -21.47 -20.06
C ARG B 303 10.50 -22.57 -19.25
N PRO B 304 9.38 -23.10 -19.76
CA PRO B 304 8.68 -24.17 -19.04
C PRO B 304 9.55 -25.41 -18.87
N PHE B 305 9.15 -26.25 -17.93
CA PHE B 305 9.88 -27.47 -17.59
C PHE B 305 8.93 -28.64 -17.77
N THR B 306 9.14 -29.43 -18.83
CA THR B 306 8.37 -30.64 -19.08
C THR B 306 9.27 -31.87 -19.18
N LYS B 307 10.52 -31.75 -18.72
CA LYS B 307 11.50 -32.81 -18.88
C LYS B 307 11.13 -34.03 -18.06
N ASN B 308 11.34 -35.21 -18.65
CA ASN B 308 11.17 -36.49 -17.96
C ASN B 308 9.77 -36.62 -17.37
N LEU B 309 8.76 -36.26 -18.17
CA LEU B 309 7.38 -36.25 -17.70
C LEU B 309 6.52 -37.34 -18.33
N GLY B 310 6.92 -37.89 -19.46
CA GLY B 310 6.12 -38.89 -20.15
C GLY B 310 5.05 -38.32 -21.07
N LEU B 311 5.13 -37.04 -21.42
CA LEU B 311 4.13 -36.47 -22.32
C LEU B 311 4.27 -37.03 -23.73
N GLU B 312 5.51 -37.30 -24.16
CA GLU B 312 5.73 -37.90 -25.47
C GLU B 312 5.01 -39.23 -25.58
N GLU B 313 5.10 -40.06 -24.53
CA GLU B 313 4.42 -41.35 -24.53
C GLU B 313 2.91 -41.17 -24.57
N LEU B 314 2.38 -40.29 -23.71
CA LEU B 314 0.94 -40.04 -23.68
C LEU B 314 0.42 -39.39 -24.96
N GLY B 315 1.28 -38.70 -25.70
CA GLY B 315 0.88 -38.05 -26.93
C GLY B 315 0.63 -36.56 -26.84
N ILE B 316 0.89 -35.96 -25.68
CA ILE B 316 0.64 -34.53 -25.47
C ILE B 316 1.79 -33.76 -26.13
N GLU B 317 1.53 -33.23 -27.32
CA GLU B 317 2.52 -32.40 -27.99
C GLU B 317 2.57 -31.03 -27.33
N LEU B 318 3.68 -30.33 -27.58
CA LEU B 318 3.93 -29.01 -27.00
C LEU B 318 4.03 -27.98 -28.10
N ASP B 319 3.67 -26.74 -27.77
CA ASP B 319 3.80 -25.63 -28.71
C ASP B 319 5.29 -25.33 -28.90
N PRO B 320 5.63 -24.50 -29.90
CA PRO B 320 7.06 -24.18 -30.14
C PRO B 320 7.80 -23.69 -28.91
N ARG B 321 7.13 -22.98 -28.00
CA ARG B 321 7.75 -22.46 -26.79
C ARG B 321 7.90 -23.52 -25.70
N GLY B 322 7.51 -24.77 -25.94
CA GLY B 322 7.61 -25.80 -24.94
C GLY B 322 6.51 -25.78 -23.90
N ARG B 323 5.53 -24.89 -24.01
CA ARG B 323 4.43 -24.85 -23.06
C ARG B 323 3.38 -25.89 -23.45
N ILE B 324 2.53 -26.23 -22.48
CA ILE B 324 1.52 -27.26 -22.66
C ILE B 324 0.24 -26.58 -23.16
N PRO B 325 -0.27 -26.94 -24.33
CA PRO B 325 -1.54 -26.36 -24.81
C PRO B 325 -2.71 -26.86 -23.97
N VAL B 326 -3.46 -25.90 -23.40
CA VAL B 326 -4.61 -26.22 -22.57
C VAL B 326 -5.81 -25.43 -23.07
N ASN B 327 -6.99 -25.87 -22.67
CA ASN B 327 -8.24 -25.23 -23.03
C ASN B 327 -8.67 -24.29 -21.90
N THR B 328 -9.90 -23.77 -21.99
CA THR B 328 -10.37 -22.84 -20.97
C THR B 328 -10.52 -23.52 -19.61
N ARG B 329 -10.84 -24.81 -19.60
CA ARG B 329 -10.86 -25.60 -18.38
C ARG B 329 -9.46 -26.05 -17.96
N PHE B 330 -8.44 -25.63 -18.70
CA PHE B 330 -7.04 -25.97 -18.42
C PHE B 330 -6.81 -27.48 -18.54
N GLN B 331 -7.50 -28.12 -19.47
CA GLN B 331 -7.25 -29.51 -19.82
C GLN B 331 -6.29 -29.59 -20.99
N THR B 332 -5.51 -30.67 -21.04
CA THR B 332 -4.69 -30.93 -22.21
C THR B 332 -5.53 -31.64 -23.27
N LYS B 333 -4.87 -32.24 -24.25
CA LYS B 333 -5.59 -33.05 -25.24
C LYS B 333 -6.40 -34.14 -24.56
N ILE B 334 -5.81 -34.80 -23.57
CA ILE B 334 -6.52 -35.82 -22.79
C ILE B 334 -7.21 -35.11 -21.62
N PRO B 335 -8.53 -35.23 -21.48
CA PRO B 335 -9.23 -34.35 -20.52
C PRO B 335 -8.79 -34.51 -19.07
N ASN B 336 -8.62 -35.74 -18.58
CA ASN B 336 -8.30 -35.92 -17.17
C ASN B 336 -6.95 -35.33 -16.79
N ILE B 337 -6.09 -35.02 -17.77
CA ILE B 337 -4.78 -34.44 -17.52
C ILE B 337 -4.89 -32.92 -17.72
N TYR B 338 -4.71 -32.18 -16.64
CA TYR B 338 -4.76 -30.73 -16.63
C TYR B 338 -3.37 -30.16 -16.45
N ALA B 339 -3.21 -28.88 -16.81
CA ALA B 339 -1.93 -28.19 -16.69
C ALA B 339 -2.17 -26.73 -16.34
N THR B 340 -1.34 -26.20 -15.46
CA THR B 340 -1.51 -24.85 -14.93
C THR B 340 -0.17 -24.31 -14.44
N GLY B 341 0.05 -23.01 -14.63
CA GLY B 341 1.23 -22.35 -14.11
C GLY B 341 2.13 -21.78 -15.20
N ASP B 342 3.42 -21.63 -14.89
CA ASP B 342 4.40 -21.26 -15.90
C ASP B 342 4.51 -22.31 -17.00
N VAL B 343 4.12 -23.55 -16.70
CA VAL B 343 4.17 -24.61 -17.70
C VAL B 343 3.21 -24.35 -18.85
N VAL B 344 2.20 -23.51 -18.64
CA VAL B 344 1.28 -23.10 -19.70
C VAL B 344 1.55 -21.62 -20.01
N ALA B 345 0.90 -21.14 -21.07
CA ALA B 345 1.12 -19.77 -21.52
C ALA B 345 0.52 -18.78 -20.53
N GLY B 346 0.60 -17.50 -20.89
CA GLY B 346 0.26 -16.42 -20.00
C GLY B 346 1.49 -15.93 -19.25
N PRO B 347 1.38 -14.78 -18.59
CA PRO B 347 2.56 -14.21 -17.92
C PRO B 347 3.10 -15.14 -16.85
N MET B 348 4.42 -15.30 -16.85
CA MET B 348 5.10 -16.20 -15.92
C MET B 348 5.17 -15.55 -14.53
N LEU B 349 4.01 -15.51 -13.88
CA LEU B 349 3.88 -14.89 -12.56
C LEU B 349 3.21 -15.87 -11.61
N ALA B 350 3.58 -15.77 -10.33
CA ALA B 350 3.11 -16.76 -9.35
C ALA B 350 1.62 -16.60 -9.05
N HIS B 351 1.15 -15.36 -8.89
CA HIS B 351 -0.27 -15.15 -8.63
C HIS B 351 -1.14 -15.59 -9.80
N LYS B 352 -0.61 -15.54 -11.02
CA LYS B 352 -1.29 -16.14 -12.15
C LYS B 352 -1.43 -17.63 -11.96
N ALA B 353 -0.33 -18.31 -11.63
CA ALA B 353 -0.38 -19.75 -11.41
C ALA B 353 -1.31 -20.10 -10.25
N GLU B 354 -1.29 -19.29 -9.18
CA GLU B 354 -2.17 -19.55 -8.04
C GLU B 354 -3.63 -19.51 -8.47
N ASP B 355 -4.03 -18.44 -9.16
CA ASP B 355 -5.40 -18.35 -9.65
C ASP B 355 -5.70 -19.49 -10.62
N GLU B 356 -4.77 -19.77 -11.54
CA GLU B 356 -4.97 -20.86 -12.49
C GLU B 356 -5.15 -22.19 -11.78
N GLY B 357 -4.44 -22.39 -10.66
CA GLY B 357 -4.60 -23.63 -9.92
C GLY B 357 -5.95 -23.73 -9.23
N ILE B 358 -6.48 -22.61 -8.75
CA ILE B 358 -7.76 -22.62 -8.05
C ILE B 358 -8.89 -22.89 -9.02
N ILE B 359 -9.02 -22.06 -10.07
CA ILE B 359 -10.10 -22.21 -11.02
C ILE B 359 -10.07 -23.56 -11.72
N CYS B 360 -8.91 -24.20 -11.79
CA CYS B 360 -8.84 -25.51 -12.43
C CYS B 360 -9.51 -26.57 -11.58
N VAL B 361 -9.10 -26.71 -10.32
CA VAL B 361 -9.68 -27.73 -9.45
C VAL B 361 -11.16 -27.44 -9.19
N GLU B 362 -11.57 -26.17 -9.27
CA GLU B 362 -12.98 -25.85 -9.17
C GLU B 362 -13.75 -26.26 -10.42
N GLY B 363 -13.07 -26.22 -11.58
CA GLY B 363 -13.68 -26.74 -12.79
C GLY B 363 -13.91 -28.24 -12.72
N MET B 364 -13.07 -28.95 -11.95
CA MET B 364 -13.31 -30.36 -11.70
C MET B 364 -14.52 -30.56 -10.81
N ALA B 365 -14.69 -29.70 -9.79
CA ALA B 365 -15.84 -29.76 -8.92
C ALA B 365 -17.13 -29.32 -9.61
N GLY B 366 -17.05 -28.83 -10.85
CA GLY B 366 -18.22 -28.39 -11.58
C GLY B 366 -18.34 -26.89 -11.72
N GLY B 367 -17.38 -26.12 -11.21
CA GLY B 367 -17.49 -24.68 -11.29
C GLY B 367 -17.04 -24.15 -12.64
N ALA B 368 -17.57 -22.98 -12.99
CA ALA B 368 -17.17 -22.32 -14.23
C ALA B 368 -15.77 -21.77 -14.10
N VAL B 369 -14.96 -21.97 -15.14
CA VAL B 369 -13.59 -21.52 -15.18
C VAL B 369 -13.52 -20.31 -16.09
N HIS B 370 -13.21 -19.15 -15.53
CA HIS B 370 -12.99 -17.95 -16.31
C HIS B 370 -11.77 -17.22 -15.78
N ILE B 371 -10.93 -16.75 -16.69
CA ILE B 371 -9.71 -16.04 -16.34
C ILE B 371 -9.45 -14.97 -17.40
N ASP B 372 -9.13 -13.76 -16.96
CA ASP B 372 -8.74 -12.68 -17.83
C ASP B 372 -7.28 -12.33 -17.53
N TYR B 373 -6.41 -12.50 -18.54
CA TYR B 373 -5.00 -12.19 -18.39
C TYR B 373 -4.70 -10.70 -18.62
N ASN B 374 -5.74 -9.87 -18.67
CA ASN B 374 -5.59 -8.42 -18.64
C ASN B 374 -5.70 -7.84 -17.24
N CYS B 375 -6.51 -8.46 -16.37
CA CYS B 375 -6.59 -8.06 -14.97
C CYS B 375 -5.49 -8.67 -14.11
N VAL B 376 -4.47 -9.25 -14.74
CA VAL B 376 -3.33 -9.82 -14.03
C VAL B 376 -2.29 -8.72 -13.84
N PRO B 377 -1.97 -8.35 -12.61
CA PRO B 377 -1.01 -7.27 -12.37
C PRO B 377 0.44 -7.75 -12.36
N SER B 378 1.32 -6.84 -12.79
CA SER B 378 2.75 -7.09 -12.81
C SER B 378 3.43 -6.04 -11.94
N VAL B 379 4.35 -6.48 -11.07
CA VAL B 379 4.98 -5.59 -10.09
C VAL B 379 6.49 -5.82 -10.13
N ILE B 380 7.25 -4.73 -10.22
CA ILE B 380 8.71 -4.75 -10.08
C ILE B 380 9.03 -4.18 -8.70
N TYR B 381 9.52 -5.02 -7.80
CA TYR B 381 9.63 -4.68 -6.38
C TYR B 381 10.96 -3.99 -6.07
N THR B 382 11.23 -2.92 -6.80
CA THR B 382 12.41 -2.11 -6.60
C THR B 382 12.01 -0.81 -5.92
N HIS B 383 12.99 0.05 -5.65
CA HIS B 383 12.71 1.41 -5.20
C HIS B 383 13.35 2.36 -6.21
N PRO B 384 12.57 3.13 -6.99
CA PRO B 384 11.11 3.16 -6.93
C PRO B 384 10.42 1.95 -7.55
N GLU B 385 9.22 1.61 -7.05
CA GLU B 385 8.50 0.44 -7.50
C GLU B 385 7.85 0.69 -8.85
N VAL B 386 7.68 -0.39 -9.62
CA VAL B 386 6.91 -0.38 -10.86
C VAL B 386 5.84 -1.43 -10.73
N ALA B 387 4.58 -1.04 -11.01
CA ALA B 387 3.47 -1.99 -10.95
C ALA B 387 2.39 -1.50 -11.90
N TRP B 388 1.98 -2.36 -12.83
CA TRP B 388 0.97 -1.99 -13.81
C TRP B 388 -0.02 -3.13 -13.99
N VAL B 389 -1.17 -2.80 -14.56
CA VAL B 389 -2.20 -3.76 -14.89
C VAL B 389 -3.03 -3.21 -16.04
N GLY B 390 -3.37 -4.06 -16.99
CA GLY B 390 -4.08 -3.62 -18.17
C GLY B 390 -3.18 -3.57 -19.38
N LYS B 391 -3.38 -2.57 -20.24
CA LYS B 391 -2.66 -2.46 -21.50
C LYS B 391 -1.83 -1.18 -21.50
N SER B 392 -0.64 -1.27 -22.09
CA SER B 392 0.22 -0.11 -22.25
C SER B 392 -0.30 0.78 -23.37
N GLU B 393 0.23 2.00 -23.43
CA GLU B 393 -0.10 2.90 -24.53
C GLU B 393 0.26 2.27 -25.87
N GLU B 394 1.38 1.54 -25.92
CA GLU B 394 1.79 0.90 -27.16
C GLU B 394 0.80 -0.20 -27.57
N GLN B 395 0.43 -1.05 -26.61
CA GLN B 395 -0.50 -2.13 -26.90
C GLN B 395 -1.87 -1.61 -27.34
N LEU B 396 -2.29 -0.47 -26.79
CA LEU B 396 -3.56 0.13 -27.20
C LEU B 396 -3.48 0.71 -28.61
N LYS B 397 -2.30 1.19 -29.01
CA LYS B 397 -2.12 1.60 -30.39
C LYS B 397 -1.95 0.41 -31.33
N GLU B 398 -1.38 -0.70 -30.83
CA GLU B 398 -1.28 -1.92 -31.63
C GLU B 398 -2.65 -2.52 -31.92
N GLU B 399 -3.65 -2.26 -31.08
CA GLU B 399 -5.00 -2.77 -31.28
C GLU B 399 -5.97 -1.67 -31.72
N GLY B 400 -5.46 -0.52 -32.15
CA GLY B 400 -6.28 0.52 -32.74
C GLY B 400 -7.30 1.13 -31.80
N ILE B 401 -7.07 1.09 -30.50
CA ILE B 401 -8.01 1.63 -29.53
C ILE B 401 -7.62 3.05 -29.18
N GLU B 402 -8.57 3.97 -29.29
CA GLU B 402 -8.35 5.37 -28.93
C GLU B 402 -8.67 5.58 -27.46
N TYR B 403 -7.79 6.31 -26.77
CA TYR B 403 -7.83 6.37 -25.32
C TYR B 403 -7.46 7.76 -24.83
N LYS B 404 -7.90 8.05 -23.60
CA LYS B 404 -7.47 9.23 -22.85
C LYS B 404 -6.38 8.83 -21.88
N VAL B 405 -5.53 9.80 -21.54
CA VAL B 405 -4.41 9.57 -20.63
C VAL B 405 -4.57 10.51 -19.43
N GLY B 406 -4.45 9.95 -18.23
CA GLY B 406 -4.47 10.73 -17.01
C GLY B 406 -3.24 10.47 -16.17
N LYS B 407 -2.58 11.53 -15.72
CA LYS B 407 -1.35 11.42 -14.94
C LYS B 407 -1.44 12.26 -13.68
N PHE B 408 -0.90 11.73 -12.58
CA PHE B 408 -0.77 12.49 -11.35
C PHE B 408 0.60 12.20 -10.75
N PRO B 409 1.43 13.23 -10.58
CA PRO B 409 2.75 13.00 -9.98
C PRO B 409 2.65 12.66 -8.50
N PHE B 410 3.53 11.76 -8.05
CA PHE B 410 3.67 11.52 -6.62
C PHE B 410 4.26 12.72 -5.90
N ALA B 411 4.91 13.63 -6.64
CA ALA B 411 5.40 14.87 -6.06
C ALA B 411 4.27 15.75 -5.56
N ALA B 412 3.03 15.50 -6.00
CA ALA B 412 1.86 16.22 -5.50
C ALA B 412 1.07 15.44 -4.48
N ASN B 413 1.32 14.14 -4.34
CA ASN B 413 0.62 13.35 -3.33
C ASN B 413 1.08 13.77 -1.95
N SER B 414 0.12 13.88 -1.03
CA SER B 414 0.42 14.38 0.31
C SER B 414 1.36 13.44 1.05
N ARG B 415 1.01 12.15 1.10
CA ARG B 415 1.80 11.20 1.87
C ARG B 415 3.21 11.04 1.30
N ALA B 416 3.37 11.18 -0.02
CA ALA B 416 4.70 11.06 -0.60
C ALA B 416 5.58 12.25 -0.25
N LYS B 417 5.08 13.46 -0.49
CA LYS B 417 5.83 14.66 -0.09
C LYS B 417 6.08 14.66 1.42
N THR B 418 5.19 14.04 2.18
CA THR B 418 5.39 13.90 3.62
C THR B 418 6.56 12.97 3.93
N ASN B 419 6.53 11.76 3.37
CA ASN B 419 7.60 10.79 3.59
C ASN B 419 8.83 11.07 2.73
N ALA B 420 8.81 12.14 1.94
CA ALA B 420 9.91 12.50 1.05
C ALA B 420 10.21 11.39 0.03
N ASP B 421 9.15 10.88 -0.59
CA ASP B 421 9.25 9.92 -1.69
C ASP B 421 8.63 10.50 -2.96
N THR B 422 9.11 11.67 -3.38
CA THR B 422 8.49 12.44 -4.48
C THR B 422 9.05 12.01 -5.83
N ASP B 423 8.90 10.72 -6.11
CA ASP B 423 9.45 10.12 -7.33
C ASP B 423 8.42 9.23 -7.98
N GLY B 424 7.96 9.63 -9.15
CA GLY B 424 7.14 8.80 -10.00
C GLY B 424 5.77 9.40 -10.24
N MET B 425 4.93 8.59 -10.90
CA MET B 425 3.60 9.02 -11.29
C MET B 425 2.68 7.81 -11.35
N VAL B 426 1.38 8.10 -11.48
CA VAL B 426 0.36 7.10 -11.78
C VAL B 426 -0.28 7.48 -13.11
N LYS B 427 -0.30 6.54 -14.05
CA LYS B 427 -0.84 6.76 -15.38
C LYS B 427 -2.09 5.92 -15.58
N ILE B 428 -3.17 6.55 -16.03
CA ILE B 428 -4.45 5.90 -16.27
C ILE B 428 -4.82 6.08 -17.73
N LEU B 429 -5.21 4.98 -18.38
CA LEU B 429 -5.60 4.98 -19.78
C LEU B 429 -7.03 4.48 -19.88
N GLY B 430 -7.88 5.28 -20.49
CA GLY B 430 -9.29 4.93 -20.61
C GLY B 430 -9.79 5.33 -21.99
N GLN B 431 -10.70 4.51 -22.52
CA GLN B 431 -11.20 4.72 -23.86
C GLN B 431 -11.84 6.10 -23.99
N LYS B 432 -11.58 6.76 -25.11
CA LYS B 432 -12.03 8.13 -25.34
C LYS B 432 -13.55 8.26 -25.35
N SER B 433 -14.29 7.15 -25.37
CA SER B 433 -15.74 7.16 -25.40
C SER B 433 -16.38 6.47 -24.21
N THR B 434 -15.93 5.25 -23.87
CA THR B 434 -16.52 4.53 -22.76
C THR B 434 -15.95 4.94 -21.42
N ASP B 435 -14.78 5.60 -21.41
CA ASP B 435 -14.08 6.03 -20.20
C ASP B 435 -13.69 4.84 -19.33
N ARG B 436 -13.94 3.63 -19.82
CA ARG B 436 -13.56 2.42 -19.09
C ARG B 436 -12.05 2.36 -18.96
N VAL B 437 -11.58 2.04 -17.75
CA VAL B 437 -10.14 1.92 -17.53
C VAL B 437 -9.60 0.77 -18.34
N LEU B 438 -8.60 1.06 -19.17
CA LEU B 438 -7.96 0.05 -20.02
C LEU B 438 -6.55 -0.30 -19.56
N GLY B 439 -5.91 0.55 -18.78
CA GLY B 439 -4.58 0.27 -18.26
C GLY B 439 -4.18 1.23 -17.16
N ALA B 440 -3.62 0.70 -16.07
CA ALA B 440 -3.18 1.50 -14.94
C ALA B 440 -1.72 1.19 -14.67
N HIS B 441 -0.86 2.21 -14.81
CA HIS B 441 0.58 2.04 -14.73
C HIS B 441 1.12 2.96 -13.64
N ILE B 442 1.80 2.37 -12.65
CA ILE B 442 2.25 3.09 -11.47
C ILE B 442 3.76 2.92 -11.34
N LEU B 443 4.47 4.05 -11.28
CA LEU B 443 5.90 4.07 -11.00
C LEU B 443 6.11 4.93 -9.76
N GLY B 444 6.62 4.32 -8.70
CA GLY B 444 6.91 5.06 -7.48
C GLY B 444 6.55 4.31 -6.21
N PRO B 445 6.38 5.05 -5.13
CA PRO B 445 6.17 4.42 -3.82
C PRO B 445 4.84 3.67 -3.73
N GLY B 446 4.88 2.48 -3.14
CA GLY B 446 3.67 1.73 -2.85
C GLY B 446 2.92 1.20 -4.05
N ALA B 447 3.57 1.18 -5.23
CA ALA B 447 2.89 0.69 -6.43
C ALA B 447 2.48 -0.77 -6.29
N GLY B 448 3.24 -1.55 -5.51
CA GLY B 448 2.95 -2.97 -5.39
C GLY B 448 1.61 -3.25 -4.73
N GLU B 449 1.26 -2.44 -3.72
CA GLU B 449 -0.03 -2.59 -3.04
C GLU B 449 -1.12 -1.76 -3.69
N MET B 450 -0.75 -0.64 -4.33
CA MET B 450 -1.74 0.21 -4.99
C MET B 450 -2.35 -0.45 -6.21
N VAL B 451 -1.61 -1.34 -6.87
CA VAL B 451 -2.07 -1.90 -8.14
C VAL B 451 -3.24 -2.85 -7.92
N ASN B 452 -3.33 -3.48 -6.74
CA ASN B 452 -4.42 -4.41 -6.48
C ASN B 452 -5.76 -3.71 -6.39
N GLU B 453 -5.77 -2.40 -6.15
CA GLU B 453 -7.01 -1.63 -6.26
C GLU B 453 -7.46 -1.57 -7.71
N ALA B 454 -6.52 -1.31 -8.63
CA ALA B 454 -6.87 -1.30 -10.05
C ALA B 454 -7.28 -2.69 -10.54
N ALA B 455 -6.79 -3.75 -9.91
CA ALA B 455 -7.21 -5.09 -10.29
C ALA B 455 -8.68 -5.30 -9.97
N LEU B 456 -9.08 -4.94 -8.74
CA LEU B 456 -10.50 -4.99 -8.36
C LEU B 456 -11.33 -4.11 -9.29
N ALA B 457 -10.80 -2.94 -9.66
CA ALA B 457 -11.55 -2.04 -10.53
C ALA B 457 -11.76 -2.66 -11.91
N LEU B 458 -10.69 -3.22 -12.49
CA LEU B 458 -10.82 -3.80 -13.83
C LEU B 458 -11.73 -5.02 -13.82
N GLU B 459 -11.62 -5.85 -12.78
CA GLU B 459 -12.53 -6.99 -12.66
C GLU B 459 -13.97 -6.53 -12.56
N TYR B 460 -14.22 -5.43 -11.86
CA TYR B 460 -15.55 -4.84 -11.78
C TYR B 460 -15.88 -3.94 -12.96
N GLY B 461 -14.99 -3.88 -13.96
CA GLY B 461 -15.25 -3.11 -15.16
C GLY B 461 -15.49 -1.64 -14.90
N ALA B 462 -14.64 -1.04 -14.07
CA ALA B 462 -14.84 0.35 -13.69
C ALA B 462 -14.33 1.29 -14.78
N SER B 463 -14.91 2.49 -14.80
CA SER B 463 -14.42 3.58 -15.62
C SER B 463 -13.51 4.48 -14.80
N CYS B 464 -12.88 5.44 -15.47
CA CYS B 464 -12.06 6.42 -14.76
C CYS B 464 -12.89 7.18 -13.72
N GLU B 465 -14.10 7.60 -14.11
CA GLU B 465 -14.95 8.31 -13.17
C GLU B 465 -15.40 7.45 -12.01
N ASP B 466 -15.56 6.14 -12.23
CA ASP B 466 -15.98 5.24 -11.15
C ASP B 466 -15.00 5.29 -9.99
N ILE B 467 -13.70 5.18 -10.29
CA ILE B 467 -12.71 5.22 -9.22
C ILE B 467 -12.60 6.61 -8.64
N ALA B 468 -12.71 7.64 -9.48
CA ALA B 468 -12.47 9.00 -9.02
C ALA B 468 -13.52 9.45 -8.00
N ARG B 469 -14.74 8.92 -8.09
CA ARG B 469 -15.83 9.28 -7.19
C ARG B 469 -15.89 8.38 -5.97
N VAL B 470 -14.82 7.64 -5.67
CA VAL B 470 -14.73 6.82 -4.46
C VAL B 470 -13.82 7.55 -3.47
N CYS B 471 -14.25 7.59 -2.21
CA CYS B 471 -13.49 8.24 -1.16
C CYS B 471 -12.13 7.57 -0.99
N HIS B 472 -11.06 8.35 -1.16
CA HIS B 472 -9.70 7.90 -0.92
C HIS B 472 -9.13 8.67 0.26
N ALA B 473 -8.61 7.95 1.25
CA ALA B 473 -8.23 8.54 2.52
C ALA B 473 -7.07 9.53 2.35
N HIS B 474 -7.01 10.48 3.27
CA HIS B 474 -5.98 11.50 3.30
C HIS B 474 -5.20 11.40 4.60
N PRO B 475 -3.86 11.39 4.56
CA PRO B 475 -3.07 11.32 3.32
C PRO B 475 -2.65 9.90 2.97
N THR B 476 -3.03 9.45 1.78
CA THR B 476 -2.63 8.15 1.28
C THR B 476 -2.09 8.29 -0.13
N LEU B 477 -1.13 7.42 -0.47
CA LEU B 477 -0.63 7.34 -1.84
C LEU B 477 -1.72 6.91 -2.81
N SER B 478 -2.78 6.29 -2.31
CA SER B 478 -3.91 5.93 -3.17
C SER B 478 -4.58 7.15 -3.80
N GLU B 479 -4.42 8.33 -3.18
CA GLU B 479 -5.02 9.53 -3.76
C GLU B 479 -4.44 9.82 -5.13
N ALA B 480 -3.19 9.43 -5.38
CA ALA B 480 -2.62 9.58 -6.71
C ALA B 480 -3.36 8.72 -7.73
N PHE B 481 -3.81 7.53 -7.31
CA PHE B 481 -4.61 6.69 -8.19
C PHE B 481 -5.94 7.36 -8.51
N ARG B 482 -6.62 7.87 -7.47
CA ARG B 482 -7.89 8.55 -7.68
C ARG B 482 -7.72 9.78 -8.56
N GLU B 483 -6.76 10.64 -8.23
CA GLU B 483 -6.59 11.90 -8.95
C GLU B 483 -6.24 11.65 -10.42
N ALA B 484 -5.43 10.62 -10.69
CA ALA B 484 -5.07 10.31 -12.07
C ALA B 484 -6.28 9.82 -12.85
N ASN B 485 -7.15 9.03 -12.22
CA ASN B 485 -8.40 8.65 -12.86
C ASN B 485 -9.25 9.88 -13.16
N LEU B 486 -9.23 10.87 -12.26
CA LEU B 486 -9.96 12.10 -12.50
C LEU B 486 -9.35 12.89 -13.64
N ALA B 487 -8.01 12.96 -13.69
CA ALA B 487 -7.34 13.64 -14.78
C ALA B 487 -7.63 13.02 -16.14
N ALA B 488 -8.17 11.80 -16.18
CA ALA B 488 -8.58 11.15 -17.42
C ALA B 488 -10.07 11.24 -17.69
N SER B 489 -10.89 11.42 -16.65
CA SER B 489 -12.35 11.54 -16.79
C SER B 489 -12.80 12.99 -16.92
N PHE B 490 -12.31 13.87 -16.05
CA PHE B 490 -12.63 15.30 -16.10
C PHE B 490 -11.65 16.08 -16.96
N GLY B 491 -10.48 15.51 -17.23
CA GLY B 491 -9.37 16.19 -17.90
C GLY B 491 -8.45 16.91 -16.94
N LYS B 492 -9.02 17.49 -15.88
CA LYS B 492 -8.26 18.23 -14.89
C LYS B 492 -8.36 17.54 -13.54
N SER B 493 -7.28 17.66 -12.77
CA SER B 493 -7.17 17.06 -11.45
C SER B 493 -7.28 18.15 -10.39
N ILE B 494 -7.67 17.75 -9.18
CA ILE B 494 -7.86 18.71 -8.10
C ILE B 494 -6.52 19.28 -7.66
N ASN B 495 -5.57 18.42 -7.31
CA ASN B 495 -4.28 18.84 -6.77
C ASN B 495 -3.17 18.86 -7.81
N PHE B 496 -3.51 18.76 -9.08
CA PHE B 496 -2.56 18.97 -10.17
C PHE B 496 -3.27 19.61 -11.37
PA FAD C . -10.02 23.24 8.52
O1A FAD C . -8.86 22.54 7.91
O2A FAD C . -9.76 23.75 9.93
O5B FAD C . -10.50 24.46 7.64
C5B FAD C . -10.84 25.73 8.23
C4B FAD C . -9.91 26.81 7.74
O4B FAD C . -10.66 28.02 7.51
C3B FAD C . -8.79 27.18 8.69
O3B FAD C . -7.62 27.56 7.97
C2B FAD C . -9.40 28.36 9.46
O2B FAD C . -8.39 29.21 10.00
C1B FAD C . -10.17 29.05 8.34
N9A FAD C . -11.30 29.87 8.80
C8A FAD C . -12.19 29.56 9.79
N7A FAD C . -13.11 30.48 9.98
C5A FAD C . -12.80 31.45 9.05
C6A FAD C . -13.39 32.69 8.73
N6A FAD C . -14.48 33.18 9.34
N1A FAD C . -12.84 33.43 7.74
C2A FAD C . -11.75 32.94 7.12
N3A FAD C . -11.11 31.80 7.33
C4A FAD C . -11.69 31.09 8.31
N1 FAD C . -7.61 13.74 9.21
C2 FAD C . -7.42 12.66 8.39
O2 FAD C . -8.27 12.30 7.56
N3 FAD C . -6.25 11.95 8.47
C4 FAD C . -5.19 12.21 9.32
O4 FAD C . -4.19 11.49 9.30
C4X FAD C . -5.41 13.35 10.19
N5 FAD C . -4.46 13.67 11.03
C5X FAD C . -4.68 14.76 11.86
C6 FAD C . -3.68 15.13 12.77
C7 FAD C . -3.84 16.22 13.63
C7M FAD C . -2.75 16.58 14.60
C8 FAD C . -5.03 16.96 13.57
C8M FAD C . -5.24 18.14 14.47
C9 FAD C . -6.03 16.61 12.66
C9A FAD C . -5.86 15.52 11.81
N10 FAD C . -6.85 15.13 10.88
C10 FAD C . -6.65 14.05 10.06
C1' FAD C . -8.11 15.88 10.79
C2' FAD C . -8.13 16.87 9.63
O2' FAD C . -7.02 17.76 9.73
C3' FAD C . -9.44 17.67 9.67
O3' FAD C . -10.53 16.76 9.75
C4' FAD C . -9.66 18.57 8.46
O4' FAD C . -8.42 19.14 8.06
C5' FAD C . -10.67 19.66 8.75
O5' FAD C . -11.31 20.06 7.52
P FAD C . -12.00 21.47 7.38
O1P FAD C . -11.65 22.16 6.06
O2P FAD C . -13.47 21.37 7.65
O3P FAD C . -11.29 22.28 8.56
C1 BTB D . -22.04 -12.08 -4.60
O1 BTB D . -21.96 -13.36 -4.02
C2 BTB D . -22.99 -12.12 -5.79
C3 BTB D . -22.38 -13.03 -6.86
O3 BTB D . -22.52 -14.38 -6.48
C4 BTB D . -24.30 -12.76 -5.33
O4 BTB D . -24.81 -12.07 -4.21
N BTB D . -23.26 -10.77 -6.33
C5 BTB D . -22.72 -10.58 -7.68
C6 BTB D . -21.58 -9.56 -7.74
O6 BTB D . -20.52 -10.11 -8.47
C7 BTB D . -22.88 -9.70 -5.41
C8 BTB D . -24.09 -8.79 -5.14
O8 BTB D . -23.77 -7.46 -5.43
PA FAD E . 7.12 -23.62 -10.11
O1A FAD E . 7.97 -23.48 -8.91
O2A FAD E . 7.69 -22.98 -11.38
O5B FAD E . 6.80 -25.14 -10.37
C5B FAD E . 7.85 -26.12 -10.44
C4B FAD E . 7.89 -26.88 -9.14
O4B FAD E . 7.60 -28.27 -9.39
C3B FAD E . 9.24 -26.86 -8.42
O3B FAD E . 9.07 -26.97 -7.01
C2B FAD E . 9.92 -28.11 -8.98
O2B FAD E . 10.92 -28.60 -8.10
C1B FAD E . 8.72 -29.07 -9.05
N9A FAD E . 8.85 -30.14 -10.02
C8A FAD E . 9.35 -30.06 -11.28
N7A FAD E . 9.35 -31.19 -11.95
C5A FAD E . 8.79 -32.09 -11.04
C6A FAD E . 8.52 -33.47 -11.12
N6A FAD E . 8.75 -34.22 -12.20
N1A FAD E . 7.97 -34.06 -10.04
C2A FAD E . 7.72 -33.32 -8.96
N3A FAD E . 7.94 -32.01 -8.76
C4A FAD E . 8.48 -31.45 -9.85
N1 FAD E . 6.47 -14.11 -9.96
C2 FAD E . 5.53 -13.24 -9.49
O2 FAD E . 4.33 -13.42 -9.70
N3 FAD E . 5.93 -12.15 -8.75
C4 FAD E . 7.22 -11.81 -8.41
O4 FAD E . 7.46 -10.80 -7.74
C4X FAD E . 8.22 -12.74 -8.91
N5 FAD E . 9.47 -12.50 -8.64
C5X FAD E . 10.42 -13.39 -9.13
C6 FAD E . 11.76 -13.16 -8.84
C7 FAD E . 12.75 -14.01 -9.30
C7M FAD E . 14.20 -13.73 -8.97
C8 FAD E . 12.40 -15.15 -10.05
C8M FAD E . 13.44 -16.10 -10.57
C9 FAD E . 11.06 -15.38 -10.34
C9A FAD E . 10.07 -14.53 -9.88
N10 FAD E . 8.70 -14.75 -10.14
C10 FAD E . 7.74 -13.86 -9.68
C1' FAD E . 8.26 -15.91 -10.93
C2' FAD E . 7.67 -17.03 -10.09
O2' FAD E . 8.68 -17.63 -9.28
C3' FAD E . 7.06 -18.07 -11.01
O3' FAD E . 6.24 -17.42 -11.98
C4' FAD E . 6.22 -19.14 -10.31
O4' FAD E . 6.84 -19.54 -9.08
C5' FAD E . 6.00 -20.34 -11.20
O5' FAD E . 4.74 -20.97 -10.84
P FAD E . 4.59 -22.54 -10.88
O1P FAD E . 3.21 -22.97 -10.35
O2P FAD E . 4.92 -23.06 -12.22
O3P FAD E . 5.68 -23.00 -9.82
C1 EDO F . 42.86 -8.60 -14.82
O1 EDO F . 42.70 -7.38 -14.09
C2 EDO F . 42.24 -8.44 -16.21
O2 EDO F . 40.82 -8.31 -16.08
C1 BTB G . -19.77 4.38 -15.14
O1 BTB G . -19.97 5.29 -16.18
C2 BTB G . -20.45 3.10 -15.56
C3 BTB G . -21.87 3.48 -16.02
O3 BTB G . -21.85 3.75 -17.40
C4 BTB G . -19.67 2.49 -16.72
O4 BTB G . -18.34 2.31 -16.35
N BTB G . -20.54 2.15 -14.43
C5 BTB G . -20.91 0.80 -14.89
C6 BTB G . -20.08 -0.26 -14.18
O6 BTB G . -18.72 0.07 -14.24
C7 BTB G . -21.53 2.61 -13.47
C8 BTB G . -20.95 2.54 -12.05
O8 BTB G . -21.35 1.33 -11.47
#